data_4XZ9
#
_entry.id   4XZ9
#
_cell.length_a   148.869
_cell.length_b   172.073
_cell.length_c   100.210
_cell.angle_alpha   90.00
_cell.angle_beta   90.00
_cell.angle_gamma   90.00
#
_symmetry.space_group_name_H-M   'C 2 2 21'
#
loop_
_entity.id
_entity.type
_entity.pdbx_description
1 polymer 'Probable transaldolase'
2 non-polymer GLYCEROL
3 non-polymer 1,3-PROPANDIOL
4 non-polymer SN-GLYCEROL-3-PHOSPHATE
5 non-polymer 'ACETATE ION'
6 water water
#
_entity_poly.entity_id   1
_entity_poly.type   'polypeptide(L)'
_entity_poly.pdbx_seq_one_letter_code
;MKIFLDTANIDEIRTGVNWGIVDGVTTNPTLISKEAVNGKKYGDIIREILKIVDGPVSVQVVSTKYEGMVEEARKIHGLG
DNAVVKIPMTEDGLRAIKTLSSEHINTNCTLVFNPIQALLAAKAGVTYVSPYVGRLDDIGEDGMQIIDMIRTIFNNYIIK
TQILVASIRNPIHVLRSAVIGADVVTVPFNVLKSLMKHPKTDEGLAKFLEDWKKVSPDGKLIL
;
_entity_poly.pdbx_strand_id   A,B,C,D,E
#
loop_
_chem_comp.id
_chem_comp.type
_chem_comp.name
_chem_comp.formula
ACT non-polymer 'ACETATE ION' 'C2 H3 O2 -1'
G3P non-polymer SN-GLYCEROL-3-PHOSPHATE 'C3 H9 O6 P'
GOL non-polymer GLYCEROL 'C3 H8 O3'
PDO non-polymer 1,3-PROPANDIOL 'C3 H8 O2'
#
# COMPACT_ATOMS: atom_id res chain seq x y z
N MET A 1 -10.15 17.98 -2.10
CA MET A 1 -9.75 18.99 -1.12
C MET A 1 -10.78 20.08 -1.08
N LYS A 2 -11.34 20.41 0.09
CA LYS A 2 -12.22 21.57 0.16
C LYS A 2 -11.43 22.88 0.16
N ILE A 3 -12.08 23.93 -0.34
CA ILE A 3 -11.50 25.24 -0.39
C ILE A 3 -12.42 26.20 0.36
N PHE A 4 -11.90 26.86 1.40
CA PHE A 4 -12.68 27.90 2.06
C PHE A 4 -12.10 29.26 1.67
N LEU A 5 -12.93 30.30 1.70
CA LEU A 5 -12.45 31.66 1.48
C LEU A 5 -12.19 32.33 2.83
N ASP A 6 -11.04 32.93 3.03
N ASP A 6 -10.97 32.86 2.97
CA ASP A 6 -10.86 33.63 4.28
CA ASP A 6 -10.40 33.40 4.22
C ASP A 6 -11.37 35.07 4.10
C ASP A 6 -10.35 34.94 4.22
N THR A 7 -12.70 35.28 4.16
N THR A 7 -11.47 35.58 4.48
CA THR A 7 -13.29 36.60 3.91
CA THR A 7 -11.52 37.03 4.52
C THR A 7 -14.69 36.75 4.53
C THR A 7 -12.68 37.53 5.38
N ALA A 8 -15.21 37.97 4.59
CA ALA A 8 -16.59 38.21 5.00
C ALA A 8 -17.29 39.06 3.96
N ASN A 9 -16.66 39.20 2.79
CA ASN A 9 -17.30 39.93 1.69
C ASN A 9 -18.24 38.99 0.94
N ILE A 10 -19.54 39.32 0.93
CA ILE A 10 -20.55 38.47 0.30
C ILE A 10 -20.42 38.39 -1.21
N ASP A 11 -19.97 39.46 -1.87
N ASP A 11 -17.83 41.37 -0.14
CA ASP A 11 -19.74 39.39 -3.32
CA ASP A 11 -17.64 41.61 -1.56
C ASP A 11 -18.63 38.37 -3.61
C ASP A 11 -16.73 40.56 -2.18
N GLU A 12 -17.47 38.52 -2.98
N GLU A 12 -15.59 40.33 -1.55
CA GLU A 12 -16.36 37.57 -3.12
CA GLU A 12 -14.69 39.25 -1.96
C GLU A 12 -16.87 36.13 -2.91
C GLU A 12 -15.41 37.93 -1.91
N ILE A 13 -17.73 35.95 -1.91
N ILE A 13 -16.16 37.71 -0.83
CA ILE A 13 -18.27 34.62 -1.62
CA ILE A 13 -16.94 36.51 -0.70
C ILE A 13 -19.15 34.12 -2.75
C ILE A 13 -17.87 36.40 -1.90
N ARG A 14 -20.16 34.90 -3.14
N ARG A 14 -18.79 37.35 -2.04
CA ARG A 14 -21.06 34.47 -4.20
CA ARG A 14 -19.83 37.27 -3.08
C ARG A 14 -20.28 34.13 -5.47
C ARG A 14 -19.27 37.05 -4.49
N THR A 15 -19.25 34.92 -5.75
N THR A 15 -18.19 37.72 -4.86
CA THR A 15 -18.48 34.73 -6.96
CA THR A 15 -17.62 37.53 -6.18
C THR A 15 -17.83 33.35 -6.95
C THR A 15 -17.06 36.12 -6.32
N GLY A 16 -17.23 32.98 -5.81
N GLY A 16 -16.56 35.58 -5.22
CA GLY A 16 -16.49 31.74 -5.70
CA GLY A 16 -15.89 34.30 -5.22
C GLY A 16 -17.33 30.47 -5.66
C GLY A 16 -16.79 33.09 -5.08
N VAL A 17 -18.48 30.56 -5.01
N VAL A 17 -17.87 33.20 -4.31
CA VAL A 17 -19.48 29.51 -5.02
CA VAL A 17 -18.65 32.00 -3.98
C VAL A 17 -20.01 29.30 -6.45
C VAL A 17 -19.05 31.21 -5.21
N ASN A 18 -20.27 30.42 -7.13
N ASN A 18 -19.39 31.92 -6.29
CA ASN A 18 -20.66 30.41 -8.55
CA ASN A 18 -19.66 31.30 -7.59
C ASN A 18 -19.65 29.67 -9.42
C ASN A 18 -18.38 30.93 -8.35
N TRP A 19 -18.38 29.76 -9.01
CA TRP A 19 -17.31 29.11 -9.77
C TRP A 19 -17.41 27.62 -9.49
N GLY A 20 -17.99 27.29 -8.34
CA GLY A 20 -18.23 25.91 -7.95
C GLY A 20 -17.05 25.34 -7.19
N ILE A 21 -16.18 26.22 -6.70
CA ILE A 21 -14.94 25.81 -6.06
C ILE A 21 -14.82 26.33 -4.62
N VAL A 22 -15.87 26.94 -4.08
CA VAL A 22 -15.82 27.40 -2.69
C VAL A 22 -16.81 26.65 -1.83
N ASP A 23 -16.30 26.10 -0.73
CA ASP A 23 -17.04 25.14 0.05
C ASP A 23 -17.41 25.71 1.41
N GLY A 24 -16.92 26.90 1.69
CA GLY A 24 -17.08 27.50 3.00
C GLY A 24 -16.25 28.75 3.16
N VAL A 25 -16.31 29.32 4.36
CA VAL A 25 -15.66 30.56 4.68
C VAL A 25 -15.05 30.56 6.07
N THR A 26 -13.87 31.14 6.22
CA THR A 26 -13.33 31.36 7.55
C THR A 26 -13.24 32.86 7.80
N THR A 27 -13.92 33.25 8.89
N THR A 27 -13.33 33.24 9.09
CA THR A 27 -14.08 34.65 9.22
CA THR A 27 -12.94 34.58 9.54
C THR A 27 -13.33 34.92 10.50
C THR A 27 -12.02 34.54 10.79
N ASN A 28 -13.26 36.19 10.83
N ASN A 28 -11.35 35.65 11.10
CA ASN A 28 -12.63 36.61 12.05
CA ASN A 28 -10.64 35.77 12.39
C ASN A 28 -13.08 38.05 12.23
C ASN A 28 -10.67 37.22 12.91
N PRO A 29 -13.07 38.55 13.47
N PRO A 29 -10.32 37.46 14.20
CA PRO A 29 -13.76 39.83 13.65
CA PRO A 29 -10.49 38.79 14.80
C PRO A 29 -13.21 40.95 12.77
C PRO A 29 -9.83 39.92 14.04
N THR A 30 -11.91 40.95 12.51
N THR A 30 -8.58 39.72 13.63
CA THR A 30 -11.31 41.96 11.64
CA THR A 30 -7.89 40.64 12.74
C THR A 30 -11.96 41.96 10.27
C THR A 30 -8.69 40.96 11.49
N LEU A 31 -11.99 40.79 9.64
N LEU A 31 -9.14 39.91 10.81
CA LEU A 31 -12.58 40.66 8.30
CA LEU A 31 -9.88 40.08 9.56
C LEU A 31 -14.01 41.15 8.30
C LEU A 31 -11.17 40.88 9.75
N ILE A 32 -14.73 40.85 9.37
N ILE A 32 -11.80 40.78 10.91
CA ILE A 32 -16.14 41.16 9.43
CA ILE A 32 -12.95 41.63 11.22
C ILE A 32 -16.36 42.67 9.55
C ILE A 32 -12.50 43.08 11.32
N SER A 33 -15.57 43.32 10.41
CA SER A 33 -15.59 44.78 10.50
C SER A 33 -14.81 45.47 9.39
N LYS A 34 -14.52 44.72 8.32
CA LYS A 34 -14.05 45.31 7.07
C LYS A 34 -15.29 45.69 6.29
N GLU A 35 -16.31 44.83 6.38
CA GLU A 35 -17.49 44.99 5.57
C GLU A 35 -18.58 45.74 6.33
N ALA A 36 -18.33 45.99 7.61
CA ALA A 36 -19.27 46.77 8.42
C ALA A 36 -19.08 48.24 8.13
N VAL A 37 -19.15 48.61 6.85
CA VAL A 37 -18.96 50.00 6.49
C VAL A 37 -20.22 50.59 5.85
N ASN A 38 -20.55 51.80 6.27
CA ASN A 38 -21.64 52.58 5.72
C ASN A 38 -22.96 51.81 5.55
N GLY A 39 -23.49 51.28 6.64
CA GLY A 39 -24.85 50.75 6.62
C GLY A 39 -25.10 49.41 7.28
N LYS A 40 -24.08 48.55 7.35
CA LYS A 40 -24.26 47.19 7.85
C LYS A 40 -23.91 47.03 9.31
N LYS A 41 -24.79 46.37 10.07
CA LYS A 41 -24.40 45.89 11.38
C LYS A 41 -23.30 44.89 11.13
N TYR A 42 -22.20 45.04 11.87
N TYR A 42 -19.45 44.55 13.83
CA TYR A 42 -21.20 44.02 12.02
CA TYR A 42 -18.99 43.21 13.46
C TYR A 42 -21.93 42.66 11.99
C TYR A 42 -20.12 42.20 13.44
N GLY A 43 -22.76 42.39 13.00
N GLY A 43 -21.17 42.47 14.20
CA GLY A 43 -23.48 41.14 13.10
CA GLY A 43 -22.29 41.57 14.32
C GLY A 43 -24.48 40.80 12.00
C GLY A 43 -23.25 41.57 13.13
N ASP A 44 -24.89 41.78 11.19
N ASP A 44 -23.07 42.50 12.19
CA ASP A 44 -25.75 41.49 10.04
CA ASP A 44 -23.98 42.62 11.06
C ASP A 44 -24.94 40.72 9.03
C ASP A 44 -23.83 41.54 9.98
N ILE A 45 -23.67 41.11 8.94
N ILE A 45 -22.66 41.48 9.35
CA ILE A 45 -22.72 40.50 8.03
CA ILE A 45 -22.47 40.65 8.16
C ILE A 45 -22.51 39.02 8.32
C ILE A 45 -22.62 39.14 8.38
N ILE A 46 -22.32 38.69 9.60
CA ILE A 46 -22.11 37.27 9.94
C ILE A 46 -23.37 36.50 9.65
N ARG A 47 -24.50 37.06 10.08
CA ARG A 47 -25.80 36.43 9.89
C ARG A 47 -26.10 36.15 8.42
N GLU A 48 -25.66 37.06 7.56
CA GLU A 48 -25.95 36.95 6.13
C GLU A 48 -25.04 35.88 5.50
N ILE A 49 -23.77 35.93 5.85
CA ILE A 49 -22.82 34.89 5.42
C ILE A 49 -23.38 33.52 5.80
N LEU A 50 -23.86 33.39 7.03
CA LEU A 50 -24.43 32.14 7.48
C LEU A 50 -25.60 31.71 6.59
N LYS A 51 -26.45 32.68 6.24
CA LYS A 51 -27.59 32.43 5.35
C LYS A 51 -27.14 32.00 3.95
N ILE A 52 -26.29 32.81 3.32
CA ILE A 52 -25.75 32.52 1.99
C ILE A 52 -25.18 31.12 1.85
N VAL A 53 -24.12 30.91 2.64
CA VAL A 53 -23.17 29.83 2.40
C VAL A 53 -23.79 28.49 2.77
N ASP A 54 -23.91 27.59 1.79
CA ASP A 54 -24.40 26.24 2.07
C ASP A 54 -23.24 25.35 2.54
N GLY A 55 -22.56 25.78 3.59
CA GLY A 55 -21.40 25.05 4.08
C GLY A 55 -20.85 25.78 5.28
N PRO A 56 -19.73 25.31 5.82
CA PRO A 56 -19.23 25.79 7.11
C PRO A 56 -18.79 27.23 7.05
N VAL A 57 -19.09 27.97 8.11
CA VAL A 57 -18.61 29.33 8.27
C VAL A 57 -17.96 29.42 9.65
N SER A 58 -16.65 29.63 9.67
CA SER A 58 -15.92 29.73 10.94
C SER A 58 -15.94 31.15 11.53
N VAL A 59 -16.33 31.24 12.80
CA VAL A 59 -16.46 32.48 13.55
C VAL A 59 -15.68 32.41 14.84
N GLN A 60 -14.79 33.37 15.13
CA GLN A 60 -13.90 33.21 16.29
C GLN A 60 -14.48 33.74 17.61
N VAL A 61 -14.27 32.97 18.67
CA VAL A 61 -14.62 33.40 20.02
C VAL A 61 -13.53 34.36 20.44
N VAL A 62 -13.90 35.37 21.19
CA VAL A 62 -12.91 36.33 21.66
C VAL A 62 -12.52 36.15 23.12
N SER A 63 -13.39 35.58 23.96
CA SER A 63 -12.98 35.27 25.33
C SER A 63 -11.78 34.34 25.41
N THR A 64 -10.98 34.48 26.46
CA THR A 64 -9.83 33.59 26.65
C THR A 64 -10.12 32.56 27.74
N LYS A 65 -11.22 32.75 28.47
CA LYS A 65 -11.55 31.84 29.55
C LYS A 65 -12.53 30.79 29.09
N TYR A 66 -12.37 29.58 29.60
CA TYR A 66 -13.26 28.47 29.31
C TYR A 66 -14.75 28.90 29.32
N GLU A 67 -15.19 29.48 30.42
CA GLU A 67 -16.63 29.71 30.58
C GLU A 67 -17.12 30.73 29.56
N GLY A 68 -16.33 31.75 29.29
CA GLY A 68 -16.71 32.73 28.27
C GLY A 68 -16.70 32.11 26.88
N MET A 69 -15.79 31.16 26.65
CA MET A 69 -15.66 30.56 25.33
C MET A 69 -16.88 29.71 25.05
N VAL A 70 -17.33 28.93 26.04
CA VAL A 70 -18.45 28.01 25.77
C VAL A 70 -19.75 28.79 25.67
N GLU A 71 -19.85 29.89 26.41
CA GLU A 71 -21.05 30.74 26.33
C GLU A 71 -21.10 31.46 24.98
N GLU A 72 -19.98 32.04 24.55
CA GLU A 72 -19.95 32.62 23.20
C GLU A 72 -20.20 31.60 22.11
N ALA A 73 -19.60 30.40 22.25
CA ALA A 73 -19.76 29.38 21.22
C ALA A 73 -21.21 28.98 21.04
N ARG A 74 -21.93 28.90 22.16
CA ARG A 74 -23.34 28.50 22.10
C ARG A 74 -24.17 29.57 21.40
N LYS A 75 -23.79 30.83 21.60
CA LYS A 75 -24.43 31.97 20.90
C LYS A 75 -24.17 31.88 19.39
N ILE A 76 -22.91 31.65 19.03
CA ILE A 76 -22.50 31.53 17.63
C ILE A 76 -23.27 30.39 16.98
N HIS A 77 -23.33 29.26 17.67
CA HIS A 77 -24.07 28.10 17.18
C HIS A 77 -25.54 28.46 16.91
N GLY A 78 -26.12 29.23 17.82
CA GLY A 78 -27.48 29.71 17.66
C GLY A 78 -27.76 30.51 16.41
N LEU A 79 -26.74 31.14 15.84
CA LEU A 79 -26.91 31.97 14.64
C LEU A 79 -27.14 31.18 13.35
N GLY A 80 -26.80 29.90 13.33
CA GLY A 80 -26.91 29.14 12.11
C GLY A 80 -26.24 27.79 12.22
N ASP A 81 -26.80 26.76 11.61
CA ASP A 81 -26.34 25.41 11.90
C ASP A 81 -25.02 25.13 11.16
N ASN A 82 -24.68 26.03 10.25
CA ASN A 82 -23.42 25.88 9.54
C ASN A 82 -22.29 26.68 10.19
N ALA A 83 -22.59 27.35 11.31
CA ALA A 83 -21.55 28.05 12.06
C ALA A 83 -20.62 27.03 12.69
N VAL A 84 -19.32 27.29 12.58
CA VAL A 84 -18.25 26.53 13.21
C VAL A 84 -17.54 27.52 14.12
N VAL A 85 -17.30 27.12 15.37
N VAL A 85 -17.34 27.17 15.39
CA VAL A 85 -16.73 28.00 16.38
CA VAL A 85 -16.74 28.10 16.34
C VAL A 85 -15.20 27.88 16.40
C VAL A 85 -15.22 27.90 16.38
N LYS A 86 -14.51 28.99 16.15
CA LYS A 86 -13.04 28.99 16.18
C LYS A 86 -12.53 29.19 17.60
N ILE A 87 -11.63 28.32 18.03
N ILE A 87 -11.66 28.28 18.02
CA ILE A 87 -11.16 28.35 19.41
CA ILE A 87 -11.15 28.25 19.39
C ILE A 87 -9.66 28.11 19.46
C ILE A 87 -9.62 28.18 19.31
N PRO A 88 -8.91 29.01 20.09
CA PRO A 88 -7.44 28.90 20.07
C PRO A 88 -6.89 27.65 20.77
N MET A 89 -5.68 27.24 20.36
CA MET A 89 -4.96 26.12 20.98
C MET A 89 -4.39 26.58 22.34
N THR A 90 -5.26 26.52 23.35
CA THR A 90 -4.85 26.78 24.74
C THR A 90 -5.47 25.74 25.65
N GLU A 91 -4.98 25.70 26.89
CA GLU A 91 -5.61 24.86 27.91
C GLU A 91 -7.13 25.02 27.99
N ASP A 92 -7.57 26.27 28.19
CA ASP A 92 -8.99 26.60 28.24
C ASP A 92 -9.70 26.20 26.94
N GLY A 93 -9.01 26.45 25.82
CA GLY A 93 -9.54 26.09 24.52
C GLY A 93 -9.80 24.60 24.35
N LEU A 94 -8.83 23.78 24.73
CA LEU A 94 -9.02 22.34 24.62
C LEU A 94 -10.23 21.91 25.47
N ARG A 95 -10.34 22.48 26.67
CA ARG A 95 -11.47 22.16 27.55
C ARG A 95 -12.80 22.57 26.89
N ALA A 96 -12.81 23.76 26.30
CA ALA A 96 -14.00 24.26 25.62
C ALA A 96 -14.37 23.33 24.43
N ILE A 97 -13.37 22.92 23.66
CA ILE A 97 -13.61 22.06 22.50
C ILE A 97 -14.26 20.75 22.95
N LYS A 98 -13.76 20.18 24.04
CA LYS A 98 -14.31 18.93 24.55
C LYS A 98 -15.80 19.10 24.94
N THR A 99 -16.11 20.20 25.59
CA THR A 99 -17.48 20.46 25.99
C THR A 99 -18.39 20.67 24.79
N LEU A 100 -17.91 21.47 23.83
CA LEU A 100 -18.72 21.82 22.66
C LEU A 100 -18.95 20.61 21.77
N SER A 101 -17.92 19.77 21.64
N SER A 101 -17.92 19.77 21.64
CA SER A 101 -18.03 18.55 20.86
CA SER A 101 -18.04 18.54 20.86
C SER A 101 -19.13 17.65 21.42
C SER A 101 -19.16 17.67 21.43
N SER A 102 -19.18 17.54 22.74
CA SER A 102 -20.22 16.76 23.42
C SER A 102 -21.61 17.35 23.26
N GLU A 103 -21.69 18.64 22.97
CA GLU A 103 -22.96 19.29 22.66
C GLU A 103 -23.24 19.33 21.16
N HIS A 104 -22.42 18.61 20.38
CA HIS A 104 -22.54 18.59 18.93
C HIS A 104 -22.52 19.99 18.29
N ILE A 105 -21.60 20.81 18.79
CA ILE A 105 -21.29 22.08 18.18
C ILE A 105 -19.91 21.96 17.51
N ASN A 106 -19.88 22.23 16.21
CA ASN A 106 -18.65 22.08 15.42
C ASN A 106 -17.62 23.13 15.78
N THR A 107 -16.35 22.76 15.68
CA THR A 107 -15.29 23.57 16.24
C THR A 107 -14.11 23.57 15.32
N ASN A 108 -13.29 24.62 15.42
CA ASN A 108 -12.11 24.82 14.57
C ASN A 108 -10.99 25.34 15.46
N CYS A 109 -9.97 24.54 15.71
CA CYS A 109 -8.92 24.95 16.64
C CYS A 109 -7.83 25.70 15.87
N THR A 110 -7.56 26.93 16.28
N THR A 110 -7.60 26.97 16.22
CA THR A 110 -6.68 27.82 15.52
CA THR A 110 -6.67 27.83 15.50
C THR A 110 -5.36 28.09 16.27
C THR A 110 -5.34 28.01 16.23
N LEU A 111 -4.40 28.69 15.57
CA LEU A 111 -3.05 28.97 16.13
C LEU A 111 -2.31 27.68 16.47
N VAL A 112 -2.39 26.71 15.57
CA VAL A 112 -1.65 25.46 15.72
C VAL A 112 -0.35 25.57 14.93
N PHE A 113 0.79 25.22 15.57
CA PHE A 113 2.07 25.42 14.90
C PHE A 113 2.99 24.22 14.90
N ASN A 114 2.56 23.14 15.54
CA ASN A 114 3.30 21.87 15.39
C ASN A 114 2.31 20.68 15.38
N PRO A 115 2.81 19.47 15.04
CA PRO A 115 1.85 18.36 14.89
C PRO A 115 1.26 17.82 16.18
N ILE A 116 2.00 17.94 17.29
CA ILE A 116 1.44 17.44 18.54
C ILE A 116 0.33 18.40 19.03
N GLN A 117 0.48 19.72 18.88
CA GLN A 117 -0.68 20.57 19.15
C GLN A 117 -1.91 20.11 18.34
N ALA A 118 -1.71 19.77 17.08
CA ALA A 118 -2.84 19.33 16.26
C ALA A 118 -3.45 18.04 16.77
N LEU A 119 -2.60 17.10 17.17
CA LEU A 119 -3.09 15.86 17.78
C LEU A 119 -3.90 16.13 19.08
N LEU A 120 -3.45 17.05 19.93
CA LEU A 120 -4.19 17.33 21.17
C LEU A 120 -5.56 17.88 20.84
N ALA A 121 -5.61 18.74 19.83
CA ALA A 121 -6.90 19.31 19.41
C ALA A 121 -7.83 18.21 18.89
N ALA A 122 -7.31 17.30 18.07
CA ALA A 122 -8.10 16.17 17.61
C ALA A 122 -8.58 15.29 18.76
N LYS A 123 -7.74 15.11 19.78
CA LYS A 123 -8.11 14.25 20.94
C LYS A 123 -9.25 14.90 21.76
N ALA A 124 -9.34 16.22 21.68
CA ALA A 124 -10.43 16.93 22.35
C ALA A 124 -11.72 16.88 21.56
N GLY A 125 -11.65 16.38 20.33
CA GLY A 125 -12.84 16.17 19.49
C GLY A 125 -13.10 17.26 18.45
N VAL A 126 -12.07 18.09 18.21
CA VAL A 126 -12.25 19.24 17.33
C VAL A 126 -12.64 18.85 15.88
N THR A 127 -13.50 19.65 15.21
CA THR A 127 -13.93 19.28 13.86
C THR A 127 -12.87 19.58 12.81
N TYR A 128 -12.21 20.71 12.98
CA TYR A 128 -11.08 21.13 12.14
C TYR A 128 -9.92 21.56 12.99
N VAL A 129 -8.71 21.38 12.47
N VAL A 129 -8.70 21.31 12.52
CA VAL A 129 -7.56 21.99 13.10
CA VAL A 129 -7.50 21.97 13.07
C VAL A 129 -6.87 22.86 12.05
C VAL A 129 -6.89 22.88 12.01
N SER A 130 -6.48 24.06 12.43
CA SER A 130 -5.94 25.06 11.48
C SER A 130 -4.48 25.47 11.80
N PRO A 131 -3.51 24.76 11.21
CA PRO A 131 -2.11 25.19 11.33
C PRO A 131 -1.81 26.36 10.43
N TYR A 132 -1.06 27.34 10.92
CA TYR A 132 -0.83 28.61 10.21
C TYR A 132 0.50 28.56 9.44
N VAL A 133 0.48 27.97 8.24
CA VAL A 133 1.74 27.64 7.56
C VAL A 133 2.56 28.87 7.18
N GLY A 134 1.93 29.93 6.69
CA GLY A 134 2.70 31.12 6.36
C GLY A 134 3.46 31.74 7.54
N ARG A 135 2.93 31.62 8.75
CA ARG A 135 3.59 32.20 9.90
C ARG A 135 4.82 31.37 10.34
N LEU A 136 4.83 30.08 10.00
CA LEU A 136 6.06 29.30 10.14
C LEU A 136 7.06 29.72 9.08
N ASP A 137 6.61 29.84 7.84
CA ASP A 137 7.50 30.35 6.75
C ASP A 137 8.15 31.66 7.17
N ASP A 138 7.37 32.53 7.82
CA ASP A 138 7.83 33.84 8.30
C ASP A 138 9.07 33.74 9.22
N ILE A 139 9.16 32.65 9.96
CA ILE A 139 10.26 32.48 10.93
C ILE A 139 11.30 31.48 10.46
N GLY A 140 11.28 31.19 9.16
CA GLY A 140 12.36 30.40 8.58
C GLY A 140 12.24 28.91 8.70
N GLU A 141 11.03 28.40 8.96
N GLU A 141 10.99 28.45 8.82
CA GLU A 141 10.80 26.96 8.84
CA GLU A 141 10.63 27.04 8.97
C GLU A 141 9.71 26.72 7.83
C GLU A 141 9.61 26.70 7.87
N ASP A 142 9.86 25.65 7.08
CA ASP A 142 8.92 25.32 6.01
C ASP A 142 7.60 24.81 6.58
N GLY A 143 6.60 25.69 6.64
CA GLY A 143 5.35 25.35 7.28
C GLY A 143 4.64 24.14 6.71
N MET A 144 4.85 23.83 5.43
CA MET A 144 4.13 22.72 4.82
C MET A 144 4.61 21.40 5.43
N GLN A 145 5.82 21.38 6.00
CA GLN A 145 6.33 20.13 6.60
C GLN A 145 5.44 19.70 7.78
N ILE A 146 4.89 20.68 8.46
CA ILE A 146 4.01 20.38 9.59
C ILE A 146 2.73 19.76 9.09
N ILE A 147 2.21 20.26 7.97
CA ILE A 147 1.00 19.68 7.41
C ILE A 147 1.25 18.23 7.02
N ASP A 148 2.40 17.97 6.41
CA ASP A 148 2.73 16.62 6.04
C ASP A 148 2.79 15.67 7.26
N MET A 149 3.40 16.11 8.36
CA MET A 149 3.39 15.25 9.56
C MET A 149 1.97 15.08 10.15
N ILE A 150 1.17 16.13 10.16
CA ILE A 150 -0.18 15.98 10.72
C ILE A 150 -0.98 14.99 9.87
N ARG A 151 -0.84 15.04 8.55
CA ARG A 151 -1.57 14.08 7.69
C ARG A 151 -1.18 12.65 8.06
N THR A 152 0.11 12.44 8.26
CA THR A 152 0.57 11.09 8.60
C THR A 152 0.00 10.64 9.96
N ILE A 153 0.12 11.52 10.95
CA ILE A 153 -0.39 11.22 12.30
C ILE A 153 -1.89 10.92 12.24
N PHE A 154 -2.64 11.77 11.55
CA PHE A 154 -4.09 11.56 11.50
C PHE A 154 -4.43 10.28 10.75
N ASN A 155 -3.67 9.96 9.70
CA ASN A 155 -3.87 8.68 9.00
C ASN A 155 -3.57 7.50 9.89
N ASN A 156 -2.51 7.60 10.70
CA ASN A 156 -2.15 6.49 11.58
C ASN A 156 -3.28 6.09 12.54
N TYR A 157 -3.96 7.10 13.08
CA TYR A 157 -4.96 6.83 14.09
C TYR A 157 -6.39 6.97 13.60
N ILE A 158 -6.58 7.02 12.28
CA ILE A 158 -7.89 7.17 11.67
C ILE A 158 -8.65 8.35 12.29
N ILE A 159 -7.96 9.46 12.45
CA ILE A 159 -8.54 10.65 13.05
C ILE A 159 -9.47 11.34 12.05
N LYS A 160 -10.64 11.73 12.55
CA LYS A 160 -11.69 12.30 11.70
C LYS A 160 -11.66 13.82 11.65
N THR A 161 -10.91 14.40 12.59
CA THR A 161 -10.65 15.83 12.52
C THR A 161 -10.09 16.21 11.13
N GLN A 162 -10.60 17.31 10.55
CA GLN A 162 -10.11 17.73 9.23
C GLN A 162 -8.95 18.71 9.35
N ILE A 163 -7.92 18.52 8.51
CA ILE A 163 -6.79 19.43 8.47
C ILE A 163 -7.13 20.58 7.57
N LEU A 164 -7.12 21.78 8.14
CA LEU A 164 -7.54 23.02 7.46
C LEU A 164 -6.31 23.90 7.38
N VAL A 165 -5.64 23.92 6.23
CA VAL A 165 -4.40 24.67 6.14
C VAL A 165 -4.71 26.17 6.07
N ALA A 166 -4.10 26.94 6.97
CA ALA A 166 -4.42 28.37 7.08
C ALA A 166 -3.14 29.19 7.00
N SER A 167 -3.29 30.52 7.04
CA SER A 167 -2.17 31.42 6.78
C SER A 167 -1.49 31.05 5.46
N ILE A 168 -2.31 30.91 4.42
CA ILE A 168 -1.82 30.56 3.11
C ILE A 168 -1.41 31.81 2.38
N ARG A 169 -0.25 31.77 1.73
CA ARG A 169 0.34 32.99 1.17
C ARG A 169 0.52 32.95 -0.33
N ASN A 170 0.47 31.76 -0.92
CA ASN A 170 0.77 31.60 -2.35
C ASN A 170 0.21 30.29 -2.89
N PRO A 171 0.18 30.12 -4.24
CA PRO A 171 -0.49 28.95 -4.82
C PRO A 171 0.29 27.65 -4.54
N ILE A 172 1.56 27.76 -4.13
CA ILE A 172 2.35 26.54 -3.86
C ILE A 172 1.98 25.95 -2.50
N HIS A 173 1.63 26.80 -1.52
CA HIS A 173 0.99 26.25 -0.30
C HIS A 173 -0.22 25.40 -0.69
N VAL A 174 -0.98 25.88 -1.66
CA VAL A 174 -2.20 25.18 -2.05
C VAL A 174 -1.84 23.88 -2.78
N LEU A 175 -0.91 23.95 -3.73
CA LEU A 175 -0.50 22.75 -4.47
C LEU A 175 0.03 21.66 -3.51
N ARG A 176 0.91 22.08 -2.61
CA ARG A 176 1.51 21.12 -1.67
C ARG A 176 0.46 20.55 -0.71
N SER A 177 -0.50 21.36 -0.29
CA SER A 177 -1.57 20.86 0.55
C SER A 177 -2.33 19.76 -0.14
N ALA A 178 -2.63 19.96 -1.44
CA ALA A 178 -3.35 18.93 -2.20
C ALA A 178 -2.54 17.67 -2.41
N VAL A 179 -1.26 17.82 -2.69
CA VAL A 179 -0.43 16.65 -2.88
C VAL A 179 -0.28 15.83 -1.59
N ILE A 180 -0.13 16.55 -0.49
CA ILE A 180 -0.11 15.91 0.85
C ILE A 180 -1.43 15.23 1.19
N GLY A 181 -2.52 15.85 0.80
CA GLY A 181 -3.82 15.30 1.14
C GLY A 181 -4.54 16.03 2.27
N ALA A 182 -4.19 17.29 2.51
CA ALA A 182 -4.93 18.05 3.53
C ALA A 182 -6.41 18.07 3.21
N ASP A 183 -7.26 18.08 4.23
CA ASP A 183 -8.69 18.06 3.95
C ASP A 183 -9.21 19.36 3.37
N VAL A 184 -8.64 20.50 3.81
CA VAL A 184 -9.18 21.81 3.45
C VAL A 184 -8.04 22.82 3.34
N VAL A 185 -8.17 23.81 2.49
CA VAL A 185 -7.31 24.98 2.58
C VAL A 185 -8.24 26.19 2.72
N THR A 186 -7.78 27.18 3.45
CA THR A 186 -8.51 28.45 3.45
C THR A 186 -7.61 29.53 2.86
N VAL A 187 -8.14 30.27 1.86
CA VAL A 187 -7.31 31.19 1.11
C VAL A 187 -8.02 32.54 1.00
N PRO A 188 -7.22 33.61 1.04
CA PRO A 188 -7.75 34.92 0.69
C PRO A 188 -8.21 34.96 -0.78
N PHE A 189 -9.03 35.94 -1.11
CA PHE A 189 -9.69 36.02 -2.43
C PHE A 189 -8.70 36.13 -3.57
N ASN A 190 -7.62 36.90 -3.37
CA ASN A 190 -6.69 37.12 -4.47
C ASN A 190 -5.87 35.87 -4.75
N VAL A 191 -5.61 35.07 -3.71
CA VAL A 191 -4.95 33.80 -3.95
C VAL A 191 -5.95 32.92 -4.72
N LEU A 192 -7.20 32.91 -4.26
CA LEU A 192 -8.21 32.06 -4.90
C LEU A 192 -8.33 32.34 -6.39
N LYS A 193 -8.40 33.60 -6.75
CA LYS A 193 -8.57 33.92 -8.17
C LYS A 193 -7.34 33.49 -8.99
N SER A 194 -6.15 33.67 -8.41
CA SER A 194 -4.92 33.29 -9.11
C SER A 194 -4.82 31.79 -9.40
N LEU A 195 -5.50 30.96 -8.59
CA LEU A 195 -5.43 29.51 -8.75
C LEU A 195 -5.95 29.05 -10.12
N MET A 196 -6.78 29.86 -10.79
CA MET A 196 -7.33 29.40 -12.07
C MET A 196 -6.48 29.80 -13.25
N LYS A 197 -5.47 30.65 -13.00
CA LYS A 197 -4.78 31.32 -14.10
C LYS A 197 -3.48 30.60 -14.50
N HIS A 198 -3.18 30.62 -15.80
CA HIS A 198 -1.88 30.18 -16.27
C HIS A 198 -1.65 30.83 -17.61
N PRO A 199 -0.41 31.28 -17.87
CA PRO A 199 -0.13 31.96 -19.14
C PRO A 199 -0.35 31.08 -20.39
N LYS A 200 -0.20 29.77 -20.27
CA LYS A 200 -0.46 28.91 -21.41
C LYS A 200 -1.96 28.74 -21.64
N THR A 201 -2.75 28.92 -20.59
CA THR A 201 -4.20 28.85 -20.75
C THR A 201 -4.60 30.07 -21.58
N ASP A 202 -4.06 31.23 -21.22
CA ASP A 202 -4.37 32.46 -21.98
C ASP A 202 -3.91 32.35 -23.42
N GLU A 203 -2.66 31.92 -23.60
CA GLU A 203 -2.12 31.69 -24.95
C GLU A 203 -3.04 30.76 -25.75
N GLY A 204 -3.44 29.66 -25.10
CA GLY A 204 -4.31 28.64 -25.68
C GLY A 204 -5.64 29.20 -26.13
N LEU A 205 -6.26 30.01 -25.28
CA LEU A 205 -7.56 30.62 -25.58
C LEU A 205 -7.45 31.52 -26.82
N ALA A 206 -6.37 32.30 -26.89
CA ALA A 206 -6.16 33.18 -28.06
C ALA A 206 -6.02 32.38 -29.35
N LYS A 207 -5.38 31.22 -29.25
CA LYS A 207 -5.20 30.35 -30.41
C LYS A 207 -6.50 29.68 -30.81
N PHE A 208 -7.34 29.29 -29.85
CA PHE A 208 -8.64 28.67 -30.17
C PHE A 208 -9.33 29.73 -31.03
N LEU A 209 -9.32 30.96 -30.53
CA LEU A 209 -10.08 32.05 -31.14
C LEU A 209 -9.61 32.30 -32.55
N GLU A 210 -8.31 32.54 -32.69
CA GLU A 210 -7.68 32.80 -33.98
C GLU A 210 -8.00 31.70 -34.98
N ASP A 211 -7.71 30.46 -34.57
N ASP A 211 -7.74 30.46 -34.61
CA ASP A 211 -8.02 29.26 -35.36
CA ASP A 211 -7.98 29.36 -35.54
C ASP A 211 -9.45 29.28 -35.85
C ASP A 211 -9.48 29.25 -35.88
N TRP A 212 -10.36 29.54 -34.92
CA TRP A 212 -11.79 29.49 -35.19
C TRP A 212 -12.23 30.55 -36.21
N LYS A 213 -11.60 31.72 -36.17
CA LYS A 213 -11.92 32.77 -37.13
C LYS A 213 -11.52 32.32 -38.52
N LYS A 214 -10.48 31.49 -38.62
CA LYS A 214 -10.14 30.89 -39.90
C LYS A 214 -11.30 30.05 -40.43
N VAL A 215 -11.82 29.13 -39.60
CA VAL A 215 -12.86 28.20 -40.06
C VAL A 215 -14.24 28.87 -40.18
N SER A 216 -14.45 29.98 -39.48
CA SER A 216 -15.77 30.60 -39.44
C SER A 216 -15.75 32.07 -39.03
N PRO A 217 -15.47 32.96 -40.01
CA PRO A 217 -15.34 34.42 -39.83
C PRO A 217 -16.41 35.03 -38.93
N MET B 1 -3.43 8.37 19.22
CA MET B 1 -2.41 8.05 20.23
C MET B 1 -2.90 8.49 21.61
N LYS B 2 -2.93 7.58 22.58
CA LYS B 2 -3.19 7.94 23.97
C LYS B 2 -2.00 8.56 24.65
N ILE B 3 -2.28 9.41 25.62
CA ILE B 3 -1.23 10.08 26.36
C ILE B 3 -1.42 9.79 27.85
N PHE B 4 -0.44 9.13 28.46
CA PHE B 4 -0.47 8.83 29.89
C PHE B 4 0.53 9.73 30.60
N LEU B 5 0.30 9.96 31.90
CA LEU B 5 1.24 10.72 32.75
C LEU B 5 2.16 9.77 33.50
N ASP B 6 3.47 9.98 33.44
CA ASP B 6 4.44 9.05 34.04
C ASP B 6 4.95 9.67 35.36
N THR B 7 4.24 9.41 36.45
CA THR B 7 4.63 9.93 37.77
C THR B 7 3.83 9.24 38.85
N ALA B 8 4.32 9.28 40.10
CA ALA B 8 3.45 8.93 41.23
C ALA B 8 3.12 10.18 42.06
N ASN B 9 3.48 11.36 41.58
CA ASN B 9 3.17 12.62 42.28
C ASN B 9 1.69 12.99 42.13
N ILE B 10 0.93 12.90 43.23
CA ILE B 10 -0.50 13.10 43.15
C ILE B 10 -0.85 14.54 42.74
N ASP B 11 -0.04 15.49 43.15
CA ASP B 11 -0.28 16.87 42.74
C ASP B 11 -0.18 17.04 41.22
N GLU B 12 0.85 16.45 40.62
CA GLU B 12 1.02 16.50 39.16
C GLU B 12 -0.16 15.80 38.47
N ILE B 13 -0.58 14.66 39.02
CA ILE B 13 -1.69 13.91 38.42
C ILE B 13 -3.02 14.68 38.44
N ARG B 14 -3.33 15.31 39.57
CA ARG B 14 -4.55 16.11 39.70
C ARG B 14 -4.54 17.24 38.67
N THR B 15 -3.40 17.91 38.56
CA THR B 15 -3.28 19.03 37.65
C THR B 15 -3.46 18.57 36.20
N GLY B 16 -2.70 17.54 35.83
CA GLY B 16 -2.80 16.95 34.50
C GLY B 16 -4.21 16.50 34.15
N VAL B 17 -4.84 15.79 35.08
CA VAL B 17 -6.20 15.29 34.87
C VAL B 17 -7.20 16.47 34.72
N ASN B 18 -7.04 17.49 35.54
CA ASN B 18 -7.86 18.70 35.38
C ASN B 18 -7.70 19.40 34.01
N TRP B 19 -6.55 19.23 33.35
CA TRP B 19 -6.42 19.78 31.98
C TRP B 19 -7.22 19.00 30.92
N GLY B 20 -7.69 17.82 31.27
CA GLY B 20 -8.37 16.96 30.33
C GLY B 20 -7.52 16.31 29.23
N ILE B 21 -6.19 16.38 29.31
CA ILE B 21 -5.34 15.77 28.26
C ILE B 21 -4.65 14.48 28.71
N VAL B 22 -4.91 14.07 29.95
CA VAL B 22 -4.31 12.85 30.48
C VAL B 22 -5.27 11.66 30.37
N ASP B 23 -4.83 10.60 29.70
CA ASP B 23 -5.69 9.44 29.43
C ASP B 23 -5.38 8.28 30.37
N GLY B 24 -4.35 8.44 31.19
CA GLY B 24 -3.96 7.33 32.04
C GLY B 24 -2.66 7.69 32.74
N VAL B 25 -2.20 6.80 33.59
CA VAL B 25 -1.03 7.06 34.40
C VAL B 25 -0.17 5.82 34.44
N THR B 26 1.14 6.00 34.41
CA THR B 26 2.04 4.89 34.68
C THR B 26 2.87 5.19 35.93
N THR B 27 3.09 4.17 36.76
CA THR B 27 4.01 4.33 37.89
C THR B 27 5.08 3.25 37.81
N ASN B 28 6.07 3.31 38.70
CA ASN B 28 7.10 2.25 38.78
C ASN B 28 7.70 2.37 40.18
N PRO B 29 8.49 1.40 40.61
CA PRO B 29 8.91 1.40 42.01
C PRO B 29 9.74 2.64 42.37
N THR B 30 10.53 3.18 41.44
CA THR B 30 11.28 4.40 41.72
C THR B 30 10.35 5.60 41.92
N LEU B 31 9.45 5.82 40.97
CA LEU B 31 8.49 6.90 41.08
C LEU B 31 7.66 6.85 42.38
N ILE B 32 7.24 5.67 42.77
CA ILE B 32 6.42 5.55 43.97
C ILE B 32 7.22 5.84 45.24
N SER B 33 8.46 5.37 45.28
CA SER B 33 9.26 5.52 46.49
C SER B 33 9.80 6.96 46.64
N LYS B 34 9.81 7.71 45.55
CA LYS B 34 10.13 9.13 45.64
C LYS B 34 9.01 9.89 46.37
N GLU B 35 7.78 9.38 46.28
CA GLU B 35 6.64 10.04 46.92
C GLU B 35 6.38 9.48 48.32
N ALA B 36 6.82 8.25 48.58
CA ALA B 36 6.49 7.56 49.82
C ALA B 36 7.54 7.86 50.87
N VAL B 37 7.65 9.13 51.25
CA VAL B 37 8.65 9.57 52.22
C VAL B 37 8.01 10.50 53.27
N ASN B 38 8.64 10.59 54.43
CA ASN B 38 8.18 11.49 55.49
C ASN B 38 6.77 11.16 56.00
N GLY B 39 6.42 9.88 56.00
CA GLY B 39 5.17 9.43 56.58
C GLY B 39 4.21 8.80 55.58
N LYS B 40 4.23 9.28 54.34
CA LYS B 40 3.29 8.82 53.32
C LYS B 40 3.59 7.35 53.00
N LYS B 41 2.56 6.52 52.94
CA LYS B 41 2.74 5.08 52.67
C LYS B 41 2.43 4.73 51.21
N TYR B 42 3.16 3.76 50.65
CA TYR B 42 3.02 3.45 49.22
C TYR B 42 1.63 2.90 48.88
N GLY B 43 1.06 2.12 49.80
CA GLY B 43 -0.28 1.60 49.60
C GLY B 43 -1.34 2.70 49.48
N ASP B 44 -1.15 3.81 50.19
CA ASP B 44 -2.07 4.94 50.16
C ASP B 44 -1.92 5.70 48.83
N ILE B 45 -0.67 5.87 48.40
CA ILE B 45 -0.36 6.59 47.16
C ILE B 45 -1.03 5.88 45.99
N ILE B 46 -0.79 4.58 45.88
CA ILE B 46 -1.37 3.75 44.82
C ILE B 46 -2.91 3.87 44.81
N ARG B 47 -3.54 3.72 45.97
CA ARG B 47 -5.00 3.78 46.05
C ARG B 47 -5.50 5.16 45.64
N GLU B 48 -4.79 6.21 46.05
CA GLU B 48 -5.26 7.56 45.73
C GLU B 48 -5.22 7.78 44.22
N ILE B 49 -4.16 7.30 43.56
CA ILE B 49 -4.03 7.47 42.10
C ILE B 49 -5.13 6.72 41.38
N LEU B 50 -5.37 5.49 41.82
CA LEU B 50 -6.42 4.65 41.24
C LEU B 50 -7.77 5.38 41.33
N LYS B 51 -8.00 6.08 42.45
CA LYS B 51 -9.26 6.77 42.64
C LYS B 51 -9.39 7.99 41.75
N ILE B 52 -8.32 8.79 41.70
CA ILE B 52 -8.26 10.03 40.92
C ILE B 52 -8.37 9.84 39.41
N VAL B 53 -7.74 8.79 38.88
CA VAL B 53 -7.58 8.62 37.43
C VAL B 53 -8.62 7.67 36.83
N ASP B 54 -9.38 8.15 35.85
CA ASP B 54 -10.42 7.34 35.22
C ASP B 54 -9.85 6.22 34.38
N GLY B 55 -8.78 6.52 33.67
CA GLY B 55 -8.21 5.60 32.69
C GLY B 55 -7.23 4.64 33.30
N PRO B 56 -6.48 3.91 32.44
CA PRO B 56 -5.56 2.87 32.92
C PRO B 56 -4.52 3.43 33.88
N VAL B 57 -4.23 2.66 34.94
CA VAL B 57 -3.19 3.04 35.88
C VAL B 57 -2.27 1.85 36.07
N SER B 58 -1.03 1.99 35.63
CA SER B 58 -0.08 0.90 35.76
C SER B 58 0.69 0.94 37.06
N VAL B 59 0.78 -0.22 37.67
N VAL B 59 0.74 -0.20 37.73
CA VAL B 59 1.43 -0.39 38.96
CA VAL B 59 1.47 -0.33 38.99
C VAL B 59 2.30 -1.64 38.88
C VAL B 59 2.29 -1.61 38.92
N GLN B 60 3.57 -1.51 39.27
CA GLN B 60 4.53 -2.58 39.03
C GLN B 60 4.70 -3.56 40.20
N VAL B 61 4.72 -4.86 39.90
CA VAL B 61 5.05 -5.84 40.93
C VAL B 61 6.52 -5.68 41.32
N VAL B 62 6.90 -6.19 42.49
CA VAL B 62 8.31 -6.11 42.86
C VAL B 62 8.98 -7.48 43.07
N SER B 63 8.17 -8.52 43.26
CA SER B 63 8.67 -9.90 43.27
C SER B 63 9.37 -10.23 41.94
N THR B 64 10.42 -11.06 42.01
CA THR B 64 11.14 -11.44 40.79
C THR B 64 10.77 -12.87 40.38
N LYS B 65 9.94 -13.51 41.19
CA LYS B 65 9.57 -14.89 40.94
C LYS B 65 8.13 -15.00 40.47
N TYR B 66 7.89 -15.96 39.56
CA TYR B 66 6.57 -16.21 38.99
C TYR B 66 5.41 -16.23 40.00
N GLU B 67 5.47 -17.12 40.99
CA GLU B 67 4.33 -17.21 41.90
C GLU B 67 4.13 -15.88 42.65
N GLY B 68 5.21 -15.26 43.10
CA GLY B 68 5.10 -13.98 43.77
C GLY B 68 4.58 -12.87 42.84
N MET B 69 4.97 -12.89 41.57
CA MET B 69 4.46 -11.84 40.67
C MET B 69 2.96 -11.99 40.49
N VAL B 70 2.51 -13.23 40.32
CA VAL B 70 1.11 -13.45 40.04
C VAL B 70 0.26 -13.13 41.28
N GLU B 71 0.79 -13.38 42.47
CA GLU B 71 0.00 -13.05 43.65
C GLU B 71 -0.04 -11.53 43.89
N GLU B 72 1.08 -10.83 43.67
CA GLU B 72 1.09 -9.37 43.74
C GLU B 72 0.17 -8.81 42.66
N ALA B 73 0.23 -9.40 41.46
CA ALA B 73 -0.64 -8.94 40.36
C ALA B 73 -2.12 -8.97 40.72
N ARG B 74 -2.54 -10.07 41.34
CA ARG B 74 -3.94 -10.19 41.68
C ARG B 74 -4.35 -9.22 42.76
N LYS B 75 -3.47 -8.92 43.71
CA LYS B 75 -3.80 -7.91 44.72
C LYS B 75 -3.92 -6.58 44.00
N ILE B 76 -3.02 -6.32 43.06
CA ILE B 76 -3.05 -5.08 42.31
C ILE B 76 -4.36 -4.94 41.55
N HIS B 77 -4.71 -6.02 40.85
CA HIS B 77 -5.95 -6.06 40.06
C HIS B 77 -7.17 -5.79 40.91
N GLY B 78 -7.16 -6.32 42.13
CA GLY B 78 -8.26 -6.17 43.05
C GLY B 78 -8.48 -4.76 43.58
N LEU B 79 -7.50 -3.89 43.36
CA LEU B 79 -7.62 -2.53 43.85
C LEU B 79 -8.59 -1.69 43.02
N GLY B 80 -8.96 -2.19 41.85
CA GLY B 80 -9.88 -1.46 40.97
C GLY B 80 -9.73 -1.85 39.50
N ASP B 81 -10.80 -1.73 38.73
CA ASP B 81 -10.83 -2.27 37.37
C ASP B 81 -9.90 -1.56 36.40
N ASN B 82 -9.50 -0.34 36.72
CA ASN B 82 -8.58 0.40 35.84
C ASN B 82 -7.12 0.05 36.13
N ALA B 83 -6.88 -0.84 37.09
CA ALA B 83 -5.50 -1.19 37.41
C ALA B 83 -4.92 -2.06 36.30
N VAL B 84 -3.67 -1.77 35.94
CA VAL B 84 -2.92 -2.57 34.97
C VAL B 84 -1.64 -3.04 35.63
N VAL B 85 -1.37 -4.34 35.61
CA VAL B 85 -0.21 -4.86 36.29
C VAL B 85 1.07 -4.77 35.45
N LYS B 86 2.06 -4.03 35.93
CA LYS B 86 3.35 -3.95 35.24
C LYS B 86 4.23 -5.14 35.64
N ILE B 87 4.79 -5.79 34.63
CA ILE B 87 5.58 -7.00 34.80
C ILE B 87 6.89 -6.80 34.03
N PRO B 88 8.06 -7.05 34.66
CA PRO B 88 9.30 -6.85 33.91
C PRO B 88 9.52 -7.92 32.85
N MET B 89 10.25 -7.59 31.79
CA MET B 89 10.63 -8.56 30.75
C MET B 89 11.70 -9.52 31.26
N THR B 90 11.28 -10.63 31.89
CA THR B 90 12.15 -11.71 32.33
C THR B 90 11.44 -13.03 32.04
N GLU B 91 12.16 -14.14 32.18
CA GLU B 91 11.52 -15.45 31.99
C GLU B 91 10.28 -15.63 32.89
N ASP B 92 10.44 -15.40 34.19
CA ASP B 92 9.32 -15.46 35.11
C ASP B 92 8.19 -14.46 34.73
N GLY B 93 8.59 -13.27 34.29
CA GLY B 93 7.63 -12.28 33.83
C GLY B 93 6.77 -12.72 32.66
N LEU B 94 7.39 -13.33 31.65
CA LEU B 94 6.62 -13.84 30.51
C LEU B 94 5.64 -14.92 30.94
N ARG B 95 6.07 -15.80 31.86
CA ARG B 95 5.16 -16.81 32.36
C ARG B 95 4.00 -16.14 33.08
N ALA B 96 4.32 -15.10 33.85
CA ALA B 96 3.28 -14.44 34.65
C ALA B 96 2.29 -13.72 33.73
N ILE B 97 2.81 -13.07 32.69
CA ILE B 97 1.92 -12.39 31.75
C ILE B 97 0.95 -13.38 31.11
N LYS B 98 1.47 -14.54 30.71
CA LYS B 98 0.63 -15.54 30.05
C LYS B 98 -0.51 -16.01 30.98
N THR B 99 -0.20 -16.20 32.25
CA THR B 99 -1.22 -16.64 33.20
C THR B 99 -2.22 -15.53 33.46
N LEU B 100 -1.73 -14.32 33.70
CA LEU B 100 -2.62 -13.20 34.00
C LEU B 100 -3.53 -12.89 32.80
N SER B 101 -2.97 -13.00 31.60
N SER B 101 -2.98 -13.03 31.59
CA SER B 101 -3.72 -12.79 30.36
CA SER B 101 -3.73 -12.76 30.36
C SER B 101 -4.88 -13.78 30.24
C SER B 101 -4.88 -13.77 30.22
N SER B 102 -4.60 -15.03 30.56
CA SER B 102 -5.64 -16.06 30.51
C SER B 102 -6.73 -15.76 31.56
N GLU B 103 -6.36 -15.07 32.63
CA GLU B 103 -7.34 -14.69 33.67
C GLU B 103 -7.97 -13.31 33.38
N HIS B 104 -7.75 -12.80 32.16
CA HIS B 104 -8.26 -11.47 31.73
C HIS B 104 -7.87 -10.32 32.66
N ILE B 105 -6.62 -10.36 33.12
CA ILE B 105 -6.08 -9.29 33.94
C ILE B 105 -5.15 -8.56 33.01
N ASN B 106 -5.36 -7.26 32.89
CA ASN B 106 -4.56 -6.44 31.97
C ASN B 106 -3.13 -6.26 32.46
N THR B 107 -2.19 -6.29 31.52
CA THR B 107 -0.77 -6.35 31.86
C THR B 107 0.02 -5.36 31.01
N ASN B 108 1.18 -4.98 31.53
CA ASN B 108 2.04 -4.00 30.86
C ASN B 108 3.46 -4.53 31.04
N CYS B 109 4.15 -4.90 29.95
CA CYS B 109 5.47 -5.49 30.11
C CYS B 109 6.49 -4.37 29.98
N THR B 110 7.31 -4.20 31.00
CA THR B 110 8.21 -3.04 31.11
C THR B 110 9.70 -3.46 31.02
N LEU B 111 10.59 -2.46 30.99
CA LEU B 111 12.03 -2.70 30.81
C LEU B 111 12.32 -3.49 29.52
N VAL B 112 11.69 -3.03 28.43
CA VAL B 112 11.90 -3.57 27.11
C VAL B 112 12.85 -2.61 26.38
N PHE B 113 13.87 -3.20 25.77
CA PHE B 113 14.94 -2.39 25.14
C PHE B 113 15.25 -2.76 23.71
N ASN B 114 14.61 -3.78 23.16
CA ASN B 114 14.79 -4.04 21.73
C ASN B 114 13.49 -4.64 21.19
N PRO B 115 13.37 -4.74 19.85
CA PRO B 115 12.06 -5.13 19.30
C PRO B 115 11.69 -6.59 19.52
N ILE B 116 12.70 -7.47 19.64
CA ILE B 116 12.38 -8.88 19.87
C ILE B 116 11.86 -9.11 21.29
N GLN B 117 12.42 -8.41 22.28
CA GLN B 117 11.80 -8.47 23.63
C GLN B 117 10.33 -8.05 23.55
N ALA B 118 10.04 -7.03 22.77
CA ALA B 118 8.65 -6.56 22.70
C ALA B 118 7.76 -7.60 22.05
N LEU B 119 8.28 -8.25 21.01
CA LEU B 119 7.54 -9.34 20.36
C LEU B 119 7.25 -10.54 21.32
N LEU B 120 8.25 -10.92 22.10
CA LEU B 120 8.06 -11.99 23.12
C LEU B 120 6.93 -11.61 24.06
N ALA B 121 6.93 -10.36 24.51
CA ALA B 121 5.89 -9.91 25.43
C ALA B 121 4.52 -9.99 24.77
N ALA B 122 4.42 -9.52 23.53
CA ALA B 122 3.17 -9.67 22.79
C ALA B 122 2.74 -11.16 22.65
N LYS B 123 3.67 -12.05 22.36
CA LYS B 123 3.35 -13.48 22.23
C LYS B 123 2.84 -14.06 23.54
N ALA B 124 3.24 -13.45 24.66
CA ALA B 124 2.72 -13.94 25.95
C ALA B 124 1.34 -13.39 26.24
N GLY B 125 0.84 -12.50 25.37
CA GLY B 125 -0.50 -11.93 25.47
C GLY B 125 -0.62 -10.60 26.22
N VAL B 126 0.50 -9.87 26.36
CA VAL B 126 0.52 -8.68 27.20
C VAL B 126 -0.36 -7.55 26.60
N THR B 127 -0.97 -6.74 27.45
CA THR B 127 -1.89 -5.72 26.93
C THR B 127 -1.10 -4.53 26.34
N TYR B 128 -0.05 -4.16 27.07
CA TYR B 128 0.87 -3.07 26.66
C TYR B 128 2.27 -3.54 26.73
N VAL B 129 3.14 -3.03 25.84
CA VAL B 129 4.55 -3.26 25.99
C VAL B 129 5.21 -1.88 26.06
N SER B 130 6.18 -1.72 26.98
CA SER B 130 6.75 -0.41 27.28
C SER B 130 8.27 -0.35 27.08
N PRO B 131 8.70 -0.03 25.86
CA PRO B 131 10.14 0.15 25.60
C PRO B 131 10.60 1.49 26.17
N TYR B 132 11.81 1.51 26.71
CA TYR B 132 12.33 2.68 27.42
C TYR B 132 13.23 3.51 26.55
N VAL B 133 12.68 4.44 25.78
CA VAL B 133 13.50 5.09 24.77
C VAL B 133 14.60 6.00 25.32
N GLY B 134 14.31 6.75 26.39
CA GLY B 134 15.29 7.67 26.96
C GLY B 134 16.50 6.94 27.52
N ARG B 135 16.31 5.73 28.09
CA ARG B 135 17.46 4.97 28.55
C ARG B 135 18.31 4.38 27.45
N LEU B 136 17.71 4.14 26.28
CA LEU B 136 18.53 3.85 25.10
C LEU B 136 19.31 5.11 24.66
N ASP B 137 18.64 6.26 24.55
CA ASP B 137 19.34 7.53 24.28
C ASP B 137 20.54 7.74 25.23
N ASP B 138 20.33 7.37 26.51
CA ASP B 138 21.38 7.54 27.54
C ASP B 138 22.64 6.78 27.17
N ILE B 139 22.49 5.64 26.53
CA ILE B 139 23.67 4.85 26.18
C ILE B 139 24.07 5.00 24.71
N GLY B 140 23.62 6.06 24.06
CA GLY B 140 24.17 6.36 22.74
C GLY B 140 23.51 5.65 21.57
N GLU B 141 22.29 5.19 21.78
CA GLU B 141 21.51 4.54 20.77
C GLU B 141 20.20 5.33 20.60
N ASP B 142 19.76 5.62 19.37
CA ASP B 142 18.52 6.42 19.15
C ASP B 142 17.35 5.53 19.53
N GLY B 143 16.80 5.74 20.73
CA GLY B 143 15.73 4.89 21.22
C GLY B 143 14.51 4.82 20.32
N MET B 144 14.20 5.91 19.61
CA MET B 144 12.98 5.87 18.78
C MET B 144 13.06 4.87 17.62
N GLN B 145 14.27 4.48 17.22
CA GLN B 145 14.35 3.50 16.14
C GLN B 145 13.78 2.13 16.55
N ILE B 146 13.88 1.82 17.85
CA ILE B 146 13.29 0.60 18.35
C ILE B 146 11.76 0.66 18.27
N ILE B 147 11.18 1.81 18.55
CA ILE B 147 9.71 1.99 18.44
C ILE B 147 9.32 1.78 16.97
N ASP B 148 10.10 2.31 16.06
CA ASP B 148 9.75 2.18 14.63
C ASP B 148 9.76 0.70 14.19
N MET B 149 10.79 -0.05 14.61
CA MET B 149 10.82 -1.51 14.31
C MET B 149 9.70 -2.26 14.99
N ILE B 150 9.39 -1.96 16.25
CA ILE B 150 8.26 -2.65 16.91
C ILE B 150 6.95 -2.40 16.18
N ARG B 151 6.72 -1.15 15.74
CA ARG B 151 5.51 -0.81 15.01
C ARG B 151 5.42 -1.65 13.73
N THR B 152 6.53 -1.76 12.99
CA THR B 152 6.55 -2.58 11.78
C THR B 152 6.27 -4.05 12.06
N ILE B 153 6.96 -4.59 13.07
CA ILE B 153 6.76 -6.00 13.45
C ILE B 153 5.31 -6.24 13.86
N PHE B 154 4.78 -5.37 14.72
CA PHE B 154 3.40 -5.54 15.16
C PHE B 154 2.42 -5.44 13.99
N ASN B 155 2.64 -4.48 13.09
CA ASN B 155 1.81 -4.41 11.89
C ASN B 155 1.88 -5.68 11.01
N ASN B 156 3.07 -6.25 10.89
CA ASN B 156 3.24 -7.44 10.06
C ASN B 156 2.34 -8.59 10.51
N TYR B 157 2.21 -8.76 11.82
CA TYR B 157 1.51 -9.93 12.38
C TYR B 157 0.15 -9.57 12.99
N ILE B 158 -0.31 -8.34 12.74
CA ILE B 158 -1.59 -7.86 13.24
C ILE B 158 -1.69 -8.07 14.76
N ILE B 159 -0.63 -7.70 15.43
CA ILE B 159 -0.54 -7.83 16.88
C ILE B 159 -1.39 -6.75 17.55
N LYS B 160 -2.13 -7.15 18.60
CA LYS B 160 -3.07 -6.24 19.28
C LYS B 160 -2.51 -5.62 20.54
N THR B 161 -1.35 -6.09 20.97
CA THR B 161 -0.62 -5.48 22.06
C THR B 161 -0.37 -4.01 21.69
N GLN B 162 -0.66 -3.11 22.61
CA GLN B 162 -0.41 -1.69 22.38
C GLN B 162 1.04 -1.33 22.66
N ILE B 163 1.64 -0.54 21.77
CA ILE B 163 2.98 -0.03 22.02
C ILE B 163 2.90 1.20 22.88
N LEU B 164 3.56 1.15 24.03
CA LEU B 164 3.47 2.22 25.01
C LEU B 164 4.87 2.81 25.18
N VAL B 165 5.13 3.93 24.54
CA VAL B 165 6.48 4.49 24.60
C VAL B 165 6.74 5.09 25.98
N ALA B 166 7.81 4.63 26.65
CA ALA B 166 8.11 5.09 28.00
C ALA B 166 9.54 5.61 28.11
N SER B 167 9.95 5.97 29.33
CA SER B 167 11.19 6.73 29.54
C SER B 167 11.27 7.92 28.55
N ILE B 168 10.18 8.70 28.45
CA ILE B 168 10.18 9.82 27.51
C ILE B 168 10.82 11.02 28.18
N ARG B 169 11.64 11.75 27.44
CA ARG B 169 12.45 12.81 28.02
C ARG B 169 12.15 14.18 27.41
N ASN B 170 11.56 14.20 26.22
CA ASN B 170 11.35 15.47 25.51
C ASN B 170 10.18 15.36 24.53
N PRO B 171 9.71 16.49 23.99
CA PRO B 171 8.52 16.50 23.11
C PRO B 171 8.81 15.87 21.75
N ILE B 172 10.07 15.66 21.41
CA ILE B 172 10.37 15.05 20.11
C ILE B 172 10.22 13.51 20.19
N HIS B 173 10.48 12.91 21.35
CA HIS B 173 10.06 11.51 21.55
C HIS B 173 8.55 11.41 21.29
N VAL B 174 7.80 12.38 21.77
CA VAL B 174 6.36 12.34 21.58
C VAL B 174 5.95 12.54 20.12
N LEU B 175 6.56 13.53 19.45
CA LEU B 175 6.27 13.76 18.02
C LEU B 175 6.61 12.52 17.18
N ARG B 176 7.80 11.97 17.38
CA ARG B 176 8.24 10.81 16.57
C ARG B 176 7.35 9.62 16.86
N SER B 177 6.89 9.50 18.11
CA SER B 177 6.02 8.36 18.47
C SER B 177 4.72 8.46 17.67
N ALA B 178 4.17 9.67 17.55
CA ALA B 178 2.91 9.87 16.83
C ALA B 178 3.10 9.66 15.32
N VAL B 179 4.21 10.11 14.78
CA VAL B 179 4.49 9.88 13.35
C VAL B 179 4.69 8.40 13.01
N ILE B 180 5.36 7.70 13.91
CA ILE B 180 5.55 6.24 13.76
C ILE B 180 4.20 5.51 13.86
N GLY B 181 3.34 5.99 14.76
CA GLY B 181 2.07 5.34 14.99
C GLY B 181 2.03 4.50 16.25
N ALA B 182 2.84 4.85 17.25
CA ALA B 182 2.74 4.17 18.57
C ALA B 182 1.36 4.37 19.17
N ASP B 183 0.88 3.37 19.89
CA ASP B 183 -0.47 3.46 20.45
C ASP B 183 -0.59 4.44 21.63
N VAL B 184 0.46 4.49 22.45
CA VAL B 184 0.44 5.28 23.67
C VAL B 184 1.81 5.88 23.90
N VAL B 185 1.86 7.07 24.49
CA VAL B 185 3.09 7.56 25.12
C VAL B 185 2.78 7.82 26.59
N THR B 186 3.76 7.60 27.44
CA THR B 186 3.62 8.04 28.84
C THR B 186 4.72 9.07 29.10
N VAL B 187 4.36 10.19 29.68
CA VAL B 187 5.28 11.33 29.69
C VAL B 187 5.38 11.90 31.10
N PRO B 188 6.57 12.36 31.50
CA PRO B 188 6.67 13.07 32.79
C PRO B 188 5.95 14.43 32.76
N PHE B 189 5.57 14.92 33.93
CA PHE B 189 4.75 16.13 34.01
C PHE B 189 5.36 17.34 33.26
N ASN B 190 6.67 17.50 33.37
N ASN B 190 6.68 17.51 33.36
CA ASN B 190 7.32 18.68 32.76
CA ASN B 190 7.30 18.69 32.75
C ASN B 190 7.23 18.61 31.25
C ASN B 190 7.26 18.62 31.23
N VAL B 191 7.21 17.41 30.69
CA VAL B 191 7.02 17.26 29.23
C VAL B 191 5.54 17.49 28.86
N LEU B 192 4.66 16.88 29.63
CA LEU B 192 3.21 17.00 29.39
C LEU B 192 2.78 18.46 29.22
N LYS B 193 3.22 19.29 30.16
CA LYS B 193 2.70 20.65 30.21
C LYS B 193 3.24 21.47 29.03
N SER B 194 4.32 21.01 28.43
CA SER B 194 4.87 21.75 27.31
C SER B 194 4.16 21.43 25.99
N LEU B 195 3.47 20.30 25.91
CA LEU B 195 2.96 19.84 24.61
C LEU B 195 1.91 20.82 24.02
N MET B 196 1.19 21.54 24.87
CA MET B 196 0.16 22.44 24.32
C MET B 196 0.71 23.77 23.82
N LYS B 197 1.98 24.04 24.17
CA LYS B 197 2.54 25.40 24.05
C LYS B 197 3.33 25.58 22.77
N HIS B 198 3.31 26.82 22.26
CA HIS B 198 4.22 27.20 21.17
C HIS B 198 4.33 28.72 21.17
N PRO B 199 5.52 29.25 20.93
CA PRO B 199 5.63 30.73 20.99
C PRO B 199 4.78 31.49 19.95
N LYS B 200 4.53 30.88 18.81
CA LYS B 200 3.66 31.53 17.80
C LYS B 200 2.19 31.48 18.20
N THR B 201 1.83 30.49 19.01
CA THR B 201 0.49 30.47 19.58
C THR B 201 0.34 31.67 20.51
N ASP B 202 1.30 31.84 21.41
CA ASP B 202 1.28 32.97 22.34
C ASP B 202 1.22 34.32 21.58
N GLU B 203 2.05 34.44 20.55
N GLU B 203 2.06 34.43 20.56
CA GLU B 203 2.12 35.69 19.78
CA GLU B 203 2.14 35.64 19.75
C GLU B 203 0.84 35.93 18.98
C GLU B 203 0.82 35.91 19.03
N GLY B 204 0.25 34.86 18.44
CA GLY B 204 -1.03 34.96 17.76
C GLY B 204 -2.19 35.41 18.63
N LEU B 205 -2.21 34.89 19.86
CA LEU B 205 -3.24 35.24 20.82
C LEU B 205 -3.15 36.73 21.17
N ALA B 206 -1.93 37.20 21.36
CA ALA B 206 -1.74 38.62 21.67
C ALA B 206 -2.19 39.49 20.51
N LYS B 207 -1.88 39.05 19.29
CA LYS B 207 -2.25 39.82 18.11
C LYS B 207 -3.77 39.90 17.97
N PHE B 208 -4.45 38.77 18.19
CA PHE B 208 -5.91 38.76 18.03
C PHE B 208 -6.58 39.65 19.09
N LEU B 209 -6.03 39.66 20.30
CA LEU B 209 -6.50 40.53 21.38
C LEU B 209 -6.38 42.00 20.97
N GLU B 210 -5.20 42.35 20.46
CA GLU B 210 -4.97 43.70 19.96
C GLU B 210 -5.99 44.09 18.92
N ASP B 211 -6.14 43.25 17.90
CA ASP B 211 -6.97 43.60 16.76
C ASP B 211 -8.44 43.69 17.17
N TRP B 212 -8.84 42.87 18.12
CA TRP B 212 -10.21 42.89 18.60
C TRP B 212 -10.53 44.19 19.37
N LYS B 213 -9.52 44.73 20.06
CA LYS B 213 -9.70 45.98 20.78
C LYS B 213 -10.01 47.13 19.83
N LYS B 214 -9.61 46.99 18.57
CA LYS B 214 -9.84 48.02 17.58
C LYS B 214 -11.30 48.07 17.13
N VAL B 215 -12.09 47.08 17.54
CA VAL B 215 -13.49 47.05 17.15
C VAL B 215 -14.41 46.79 18.34
N SER B 216 -13.85 46.88 19.53
CA SER B 216 -14.57 46.65 20.78
C SER B 216 -13.59 46.83 21.92
N PRO B 217 -13.48 48.06 22.44
CA PRO B 217 -12.46 48.44 23.42
C PRO B 217 -12.55 47.65 24.73
N MET C 1 4.91 -13.66 14.73
CA MET C 1 5.94 -14.56 14.29
C MET C 1 5.99 -15.73 15.26
N LYS C 2 5.86 -16.94 14.71
CA LYS C 2 6.01 -18.14 15.56
C LYS C 2 7.49 -18.35 15.79
N ILE C 3 7.82 -18.96 16.93
CA ILE C 3 9.18 -19.28 17.30
C ILE C 3 9.18 -20.77 17.56
N PHE C 4 9.93 -21.49 16.74
CA PHE C 4 10.20 -22.90 17.02
C PHE C 4 11.61 -23.10 17.62
N LEU C 5 11.76 -24.22 18.33
CA LEU C 5 13.06 -24.61 18.84
C LEU C 5 13.68 -25.60 17.90
N ASP C 6 14.91 -25.33 17.47
CA ASP C 6 15.65 -26.16 16.52
C ASP C 6 16.60 -27.05 17.30
N THR C 7 16.09 -28.17 17.79
CA THR C 7 16.89 -29.07 18.58
C THR C 7 16.16 -30.40 18.74
N ALA C 8 16.90 -31.46 19.06
CA ALA C 8 16.26 -32.68 19.46
C ALA C 8 16.56 -32.97 20.93
N ASN C 9 17.18 -32.02 21.62
CA ASN C 9 17.44 -32.13 23.06
C ASN C 9 16.16 -32.00 23.92
N ILE C 10 15.73 -33.09 24.56
CA ILE C 10 14.48 -33.09 25.30
C ILE C 10 14.48 -32.11 26.46
N ASP C 11 15.63 -31.96 27.14
CA ASP C 11 15.73 -31.02 28.26
C ASP C 11 15.51 -29.59 27.75
N GLU C 12 16.13 -29.25 26.64
CA GLU C 12 15.98 -27.90 26.06
C GLU C 12 14.52 -27.66 25.70
N ILE C 13 13.88 -28.68 25.12
CA ILE C 13 12.50 -28.55 24.68
C ILE C 13 11.54 -28.35 25.85
N ARG C 14 11.73 -29.12 26.92
CA ARG C 14 10.84 -28.98 28.06
C ARG C 14 11.02 -27.60 28.67
N THR C 15 12.27 -27.18 28.87
CA THR C 15 12.53 -25.84 29.39
C THR C 15 11.90 -24.70 28.54
N GLY C 16 12.17 -24.69 27.24
CA GLY C 16 11.61 -23.65 26.37
C GLY C 16 10.08 -23.64 26.38
N VAL C 17 9.48 -24.82 26.39
CA VAL C 17 8.02 -24.86 26.34
C VAL C 17 7.43 -24.13 27.56
N ASN C 18 8.02 -24.42 28.70
CA ASN C 18 7.64 -23.85 29.99
C ASN C 18 7.83 -22.33 30.10
N TRP C 19 8.58 -21.74 29.18
CA TRP C 19 8.67 -20.29 29.13
C TRP C 19 7.47 -19.74 28.41
N GLY C 20 6.71 -20.62 27.80
CA GLY C 20 5.53 -20.22 27.07
C GLY C 20 5.83 -19.58 25.74
N ILE C 21 7.09 -19.61 25.34
CA ILE C 21 7.55 -18.83 24.19
C ILE C 21 7.86 -19.70 22.98
N VAL C 22 7.67 -21.01 23.12
CA VAL C 22 8.02 -21.96 22.05
C VAL C 22 6.74 -22.52 21.43
N ASP C 23 6.57 -22.35 20.13
CA ASP C 23 5.33 -22.70 19.43
C ASP C 23 5.45 -24.00 18.66
N GLY C 24 6.66 -24.59 18.64
CA GLY C 24 6.88 -25.85 17.96
C GLY C 24 8.36 -26.20 17.96
N VAL C 25 8.71 -27.29 17.28
CA VAL C 25 10.08 -27.77 17.23
C VAL C 25 10.44 -28.24 15.84
N THR C 26 11.68 -27.99 15.44
CA THR C 26 12.20 -28.61 14.23
C THR C 26 13.35 -29.51 14.61
N THR C 27 13.38 -30.69 14.01
CA THR C 27 14.53 -31.60 14.10
C THR C 27 15.06 -31.84 12.69
N ASN C 28 16.20 -32.48 12.61
CA ASN C 28 16.75 -32.90 11.32
C ASN C 28 17.67 -34.06 11.68
N PRO C 29 18.17 -34.80 10.69
CA PRO C 29 18.86 -36.03 11.06
C PRO C 29 20.13 -35.77 11.89
N THR C 30 20.82 -34.67 11.60
CA THR C 30 21.98 -34.30 12.41
C THR C 30 21.60 -34.06 13.88
N LEU C 31 20.63 -33.18 14.11
CA LEU C 31 20.18 -32.88 15.47
C LEU C 31 19.78 -34.15 16.23
N ILE C 32 19.11 -35.07 15.53
CA ILE C 32 18.68 -36.31 16.17
C ILE C 32 19.87 -37.24 16.39
N SER C 33 20.80 -37.26 15.43
CA SER C 33 21.98 -38.14 15.58
C SER C 33 22.74 -37.76 16.85
N LYS C 34 22.76 -36.46 17.13
CA LYS C 34 23.46 -35.91 18.29
C LYS C 34 22.89 -36.45 19.61
N GLU C 35 21.58 -36.67 19.65
N GLU C 35 21.57 -36.68 19.65
CA GLU C 35 20.91 -37.08 20.87
CA GLU C 35 20.89 -37.09 20.89
C GLU C 35 20.78 -38.61 20.99
C GLU C 35 20.77 -38.62 20.99
N ALA C 36 20.87 -39.30 19.86
CA ALA C 36 20.63 -40.75 19.83
C ALA C 36 21.90 -41.52 20.11
N VAL C 37 22.50 -41.19 21.25
CA VAL C 37 23.76 -41.77 21.66
C VAL C 37 23.57 -42.54 22.97
N ASN C 38 24.56 -43.36 23.32
CA ASN C 38 24.56 -44.06 24.60
C ASN C 38 23.24 -44.78 24.86
N GLY C 39 22.79 -45.55 23.89
CA GLY C 39 21.64 -46.39 24.06
C GLY C 39 20.32 -45.75 23.67
N LYS C 40 20.28 -44.43 23.57
CA LYS C 40 19.02 -43.75 23.23
C LYS C 40 18.65 -43.99 21.77
N LYS C 41 17.42 -44.41 21.54
CA LYS C 41 16.92 -44.73 20.21
C LYS C 41 16.30 -43.52 19.52
N TYR C 42 16.59 -43.32 18.24
CA TYR C 42 16.01 -42.20 17.53
C TYR C 42 14.48 -42.29 17.57
N GLY C 43 13.94 -43.51 17.53
CA GLY C 43 12.51 -43.70 17.53
C GLY C 43 11.88 -43.15 18.81
N ASP C 44 12.52 -43.41 19.94
CA ASP C 44 12.03 -42.94 21.23
C ASP C 44 12.11 -41.42 21.34
N ILE C 45 13.20 -40.85 20.87
CA ILE C 45 13.41 -39.40 20.91
C ILE C 45 12.31 -38.73 20.13
N ILE C 46 12.02 -39.22 18.92
CA ILE C 46 11.02 -38.58 18.07
C ILE C 46 9.63 -38.66 18.73
N ARG C 47 9.27 -39.84 19.23
CA ARG C 47 7.96 -40.01 19.82
C ARG C 47 7.80 -39.11 21.03
N GLU C 48 8.86 -38.96 21.81
CA GLU C 48 8.81 -38.16 23.03
C GLU C 48 8.62 -36.67 22.72
N ILE C 49 9.38 -36.17 21.74
CA ILE C 49 9.19 -34.77 21.33
C ILE C 49 7.74 -34.51 20.90
N LEU C 50 7.20 -35.40 20.08
CA LEU C 50 5.81 -35.30 19.59
C LEU C 50 4.84 -35.33 20.75
N LYS C 51 5.17 -36.17 21.70
CA LYS C 51 4.32 -36.34 22.83
C LYS C 51 4.27 -35.02 23.62
N ILE C 52 5.42 -34.40 23.90
CA ILE C 52 5.41 -33.26 24.80
C ILE C 52 5.26 -31.83 24.20
N VAL C 53 5.38 -31.72 22.88
CA VAL C 53 5.19 -30.42 22.20
C VAL C 53 3.76 -30.35 21.65
N ASP C 54 3.04 -29.27 21.97
CA ASP C 54 1.69 -29.16 21.45
C ASP C 54 1.73 -28.64 19.99
N GLY C 55 2.63 -27.72 19.69
CA GLY C 55 2.75 -27.17 18.34
C GLY C 55 3.38 -28.14 17.31
N PRO C 56 3.57 -27.68 16.06
CA PRO C 56 4.14 -28.51 15.00
C PRO C 56 5.51 -29.06 15.38
N VAL C 57 5.77 -30.31 15.03
CA VAL C 57 7.08 -30.92 15.19
C VAL C 57 7.54 -31.48 13.84
N SER C 58 8.63 -30.91 13.29
CA SER C 58 9.15 -31.34 11.99
C SER C 58 10.14 -32.46 12.15
N VAL C 59 9.90 -33.54 11.39
CA VAL C 59 10.76 -34.72 11.42
C VAL C 59 11.07 -35.02 9.97
N GLN C 60 12.35 -35.22 9.68
CA GLN C 60 12.81 -35.26 8.30
C GLN C 60 12.92 -36.70 7.77
N VAL C 61 12.39 -36.94 6.58
CA VAL C 61 12.57 -38.24 5.93
C VAL C 61 14.05 -38.40 5.60
N VAL C 62 14.50 -39.64 5.47
CA VAL C 62 15.88 -39.90 5.12
C VAL C 62 16.06 -40.55 3.74
N SER C 63 15.02 -41.21 3.22
CA SER C 63 15.13 -41.72 1.85
C SER C 63 15.39 -40.58 0.85
N THR C 64 16.13 -40.88 -0.22
CA THR C 64 16.33 -39.88 -1.29
C THR C 64 15.42 -40.12 -2.51
N LYS C 65 14.62 -41.18 -2.47
CA LYS C 65 13.75 -41.50 -3.60
C LYS C 65 12.29 -41.28 -3.25
N TYR C 66 11.52 -40.87 -4.27
CA TYR C 66 10.11 -40.58 -4.09
C TYR C 66 9.34 -41.59 -3.24
N GLU C 67 9.38 -42.87 -3.63
CA GLU C 67 8.56 -43.86 -2.93
C GLU C 67 8.97 -44.04 -1.48
N GLY C 68 10.27 -43.96 -1.19
CA GLY C 68 10.71 -44.09 0.18
C GLY C 68 10.33 -42.85 0.98
N MET C 69 10.38 -41.69 0.33
CA MET C 69 9.98 -40.46 1.01
C MET C 69 8.53 -40.51 1.44
N VAL C 70 7.68 -40.97 0.54
N VAL C 70 7.65 -40.96 0.55
CA VAL C 70 6.26 -40.98 0.78
CA VAL C 70 6.22 -40.95 0.87
C VAL C 70 5.90 -42.01 1.84
C VAL C 70 5.87 -42.03 1.87
N GLU C 71 6.54 -43.18 1.77
CA GLU C 71 6.33 -44.25 2.74
C GLU C 71 6.77 -43.78 4.16
N GLU C 72 7.96 -43.17 4.27
CA GLU C 72 8.39 -42.62 5.56
C GLU C 72 7.50 -41.48 6.04
N ALA C 73 7.07 -40.62 5.12
CA ALA C 73 6.20 -39.52 5.47
C ALA C 73 4.89 -40.00 6.08
N ARG C 74 4.32 -41.05 5.50
CA ARG C 74 3.04 -41.56 5.98
C ARG C 74 3.21 -42.14 7.39
N LYS C 75 4.37 -42.72 7.66
CA LYS C 75 4.69 -43.20 9.00
C LYS C 75 4.86 -42.09 10.04
N ILE C 76 5.63 -41.07 9.67
CA ILE C 76 5.81 -39.88 10.50
C ILE C 76 4.43 -39.27 10.82
N HIS C 77 3.61 -39.06 9.78
CA HIS C 77 2.27 -38.52 9.95
C HIS C 77 1.42 -39.32 10.94
N GLY C 78 1.58 -40.64 10.88
CA GLY C 78 0.85 -41.57 11.73
C GLY C 78 1.17 -41.48 13.20
N LEU C 79 2.31 -40.88 13.54
CA LEU C 79 2.75 -40.83 14.93
C LEU C 79 2.04 -39.76 15.74
N GLY C 80 1.44 -38.78 15.08
CA GLY C 80 0.73 -37.75 15.81
C GLY C 80 0.26 -36.66 14.90
N ASP C 81 -0.84 -36.00 15.30
CA ASP C 81 -1.40 -35.00 14.39
C ASP C 81 -0.53 -33.76 14.28
N ASN C 82 0.39 -33.57 15.21
CA ASN C 82 1.27 -32.41 15.17
C ASN C 82 2.58 -32.65 14.41
N ALA C 83 2.73 -33.84 13.85
CA ALA C 83 3.94 -34.14 13.06
C ALA C 83 3.90 -33.47 11.69
N VAL C 84 5.03 -32.88 11.31
CA VAL C 84 5.20 -32.23 10.01
C VAL C 84 6.33 -32.94 9.32
N VAL C 85 6.12 -33.38 8.09
CA VAL C 85 7.16 -34.15 7.41
C VAL C 85 8.14 -33.24 6.68
N LYS C 86 9.42 -33.31 7.03
CA LYS C 86 10.45 -32.49 6.40
C LYS C 86 10.94 -33.24 5.17
N ILE C 87 11.05 -32.53 4.06
N ILE C 87 11.06 -32.54 4.06
CA ILE C 87 11.40 -33.11 2.77
CA ILE C 87 11.37 -33.12 2.77
C ILE C 87 12.43 -32.20 2.10
C ILE C 87 12.43 -32.21 2.13
N PRO C 88 13.52 -32.77 1.60
CA PRO C 88 14.53 -31.86 1.02
C PRO C 88 14.13 -31.30 -0.35
N MET C 89 14.69 -30.14 -0.73
CA MET C 89 14.44 -29.53 -2.06
C MET C 89 15.17 -30.34 -3.14
N THR C 90 14.51 -31.37 -3.67
CA THR C 90 15.04 -32.15 -4.78
C THR C 90 13.90 -32.53 -5.73
N GLU C 91 14.22 -33.06 -6.92
CA GLU C 91 13.18 -33.52 -7.83
C GLU C 91 12.22 -34.52 -7.17
N ASP C 92 12.77 -35.59 -6.59
CA ASP C 92 11.93 -36.53 -5.83
C ASP C 92 11.18 -35.87 -4.69
N GLY C 93 11.85 -34.92 -4.05
CA GLY C 93 11.22 -34.16 -2.97
C GLY C 93 9.95 -33.41 -3.38
N LEU C 94 10.04 -32.66 -4.48
CA LEU C 94 8.87 -31.97 -5.01
C LEU C 94 7.74 -32.97 -5.36
N ARG C 95 8.10 -34.10 -5.97
CA ARG C 95 7.09 -35.12 -6.28
C ARG C 95 6.43 -35.60 -5.00
N ALA C 96 7.26 -35.82 -3.97
CA ALA C 96 6.72 -36.29 -2.70
C ALA C 96 5.79 -35.26 -2.06
N ILE C 97 6.18 -33.98 -2.12
CA ILE C 97 5.36 -32.92 -1.55
C ILE C 97 4.01 -32.84 -2.25
N LYS C 98 4.02 -32.94 -3.58
CA LYS C 98 2.75 -32.89 -4.30
C LYS C 98 1.81 -34.02 -3.84
N THR C 99 2.33 -35.26 -3.77
CA THR C 99 1.50 -36.39 -3.36
C THR C 99 0.99 -36.21 -1.93
N LEU C 100 1.90 -35.85 -1.02
CA LEU C 100 1.55 -35.72 0.40
C LEU C 100 0.57 -34.60 0.68
N SER C 101 0.70 -33.50 -0.06
N SER C 101 0.70 -33.50 -0.06
CA SER C 101 -0.23 -32.38 0.04
CA SER C 101 -0.25 -32.41 0.06
C SER C 101 -1.64 -32.84 -0.35
C SER C 101 -1.65 -32.86 -0.33
N SER C 102 -1.74 -33.64 -1.40
CA SER C 102 -3.03 -34.15 -1.86
C SER C 102 -3.63 -35.11 -0.81
N GLU C 103 -2.77 -35.71 0.00
CA GLU C 103 -3.22 -36.56 1.11
C GLU C 103 -3.45 -35.78 2.42
N HIS C 104 -3.33 -34.46 2.39
CA HIS C 104 -3.51 -33.62 3.58
C HIS C 104 -2.53 -33.95 4.71
N ILE C 105 -1.30 -34.22 4.30
CA ILE C 105 -0.21 -34.43 5.23
C ILE C 105 0.66 -33.16 5.18
N ASN C 106 0.79 -32.49 6.34
CA ASN C 106 1.61 -31.28 6.43
C ASN C 106 3.08 -31.57 6.16
N THR C 107 3.71 -30.64 5.43
CA THR C 107 5.08 -30.83 4.94
C THR C 107 5.94 -29.57 5.16
N ASN C 108 7.25 -29.77 5.22
CA ASN C 108 8.22 -28.68 5.41
C ASN C 108 9.39 -28.91 4.46
N CYS C 109 9.56 -28.04 3.44
CA CYS C 109 10.63 -28.28 2.44
C CYS C 109 11.92 -27.63 2.94
N THR C 110 12.95 -28.45 3.14
CA THR C 110 14.16 -27.96 3.80
C THR C 110 15.36 -27.88 2.83
N LEU C 111 16.49 -27.34 3.29
CA LEU C 111 17.66 -27.12 2.42
C LEU C 111 17.34 -26.23 1.21
N VAL C 112 16.62 -25.15 1.49
CA VAL C 112 16.32 -24.15 0.50
C VAL C 112 17.36 -23.02 0.62
N PHE C 113 17.94 -22.61 -0.50
CA PHE C 113 19.01 -21.58 -0.47
C PHE C 113 18.81 -20.40 -1.40
N ASN C 114 17.70 -20.39 -2.15
CA ASN C 114 17.35 -19.20 -2.99
C ASN C 114 15.85 -19.07 -3.13
N PRO C 115 15.37 -17.90 -3.60
CA PRO C 115 13.91 -17.70 -3.50
C PRO C 115 13.14 -18.55 -4.48
N ILE C 116 13.75 -18.91 -5.61
CA ILE C 116 13.02 -19.70 -6.59
C ILE C 116 12.83 -21.15 -6.10
N GLN C 117 13.82 -21.73 -5.42
CA GLN C 117 13.59 -23.04 -4.80
C GLN C 117 12.38 -22.93 -3.85
N ALA C 118 12.33 -21.86 -3.07
CA ALA C 118 11.19 -21.67 -2.16
C ALA C 118 9.88 -21.59 -2.90
N LEU C 119 9.83 -20.83 -4.00
CA LEU C 119 8.62 -20.78 -4.81
C LEU C 119 8.20 -22.18 -5.37
N LEU C 120 9.17 -22.98 -5.84
CA LEU C 120 8.83 -24.31 -6.38
C LEU C 120 8.22 -25.16 -5.31
N ALA C 121 8.76 -25.08 -4.11
CA ALA C 121 8.18 -25.91 -3.02
C ALA C 121 6.75 -25.47 -2.73
N ALA C 122 6.52 -24.15 -2.72
CA ALA C 122 5.16 -23.63 -2.52
C ALA C 122 4.22 -24.13 -3.60
N LYS C 123 4.65 -24.13 -4.88
CA LYS C 123 3.79 -24.56 -5.98
C LYS C 123 3.44 -26.03 -5.85
N ALA C 124 4.36 -26.80 -5.30
CA ALA C 124 4.05 -28.21 -5.05
C ALA C 124 3.04 -28.43 -3.90
N GLY C 125 2.80 -27.41 -3.09
CA GLY C 125 1.81 -27.49 -2.02
C GLY C 125 2.34 -27.58 -0.60
N VAL C 126 3.63 -27.30 -0.44
CA VAL C 126 4.26 -27.48 0.88
C VAL C 126 3.67 -26.54 1.97
N THR C 127 3.69 -27.00 3.22
CA THR C 127 3.11 -26.23 4.30
C THR C 127 4.06 -25.14 4.80
N TYR C 128 5.34 -25.50 4.90
CA TYR C 128 6.42 -24.60 5.29
C TYR C 128 7.54 -24.72 4.31
N VAL C 129 8.27 -23.61 4.12
N VAL C 129 8.26 -23.62 4.05
CA VAL C 129 9.55 -23.71 3.44
CA VAL C 129 9.60 -23.74 3.44
C VAL C 129 10.66 -23.17 4.37
C VAL C 129 10.63 -23.23 4.43
N SER C 130 11.81 -23.84 4.42
CA SER C 130 12.86 -23.53 5.39
C SER C 130 14.17 -23.14 4.74
N PRO C 131 14.36 -21.85 4.46
CA PRO C 131 15.67 -21.39 3.95
C PRO C 131 16.70 -21.34 5.04
N TYR C 132 17.93 -21.72 4.70
CA TYR C 132 19.02 -21.86 5.67
C TYR C 132 19.91 -20.60 5.68
N VAL C 133 19.50 -19.58 6.44
CA VAL C 133 20.19 -18.30 6.35
C VAL C 133 21.64 -18.33 6.84
N GLY C 134 21.93 -19.06 7.92
CA GLY C 134 23.31 -19.08 8.43
C GLY C 134 24.27 -19.77 7.48
N ARG C 135 23.79 -20.75 6.71
CA ARG C 135 24.69 -21.43 5.77
C ARG C 135 24.95 -20.57 4.56
N LEU C 136 24.02 -19.67 4.26
CA LEU C 136 24.36 -18.66 3.25
C LEU C 136 25.40 -17.67 3.80
N ASP C 137 25.21 -17.20 5.03
CA ASP C 137 26.21 -16.33 5.72
C ASP C 137 27.61 -16.98 5.65
N ASP C 138 27.63 -18.30 5.84
CA ASP C 138 28.87 -19.07 5.86
C ASP C 138 29.67 -18.92 4.57
N ILE C 139 28.97 -18.79 3.45
CA ILE C 139 29.64 -18.67 2.17
C ILE C 139 29.66 -17.27 1.62
N GLY C 140 29.46 -16.29 2.50
CA GLY C 140 29.75 -14.90 2.16
C GLY C 140 28.62 -14.19 1.45
N GLU C 141 27.40 -14.67 1.64
CA GLU C 141 26.20 -14.05 1.06
C GLU C 141 25.27 -13.76 2.24
N ASP C 142 24.67 -12.58 2.31
CA ASP C 142 23.83 -12.26 3.46
C ASP C 142 22.51 -13.03 3.36
N GLY C 143 22.36 -14.08 4.16
CA GLY C 143 21.21 -14.95 3.95
C GLY C 143 19.84 -14.29 4.15
N MET C 144 19.78 -13.24 4.96
CA MET C 144 18.49 -12.62 5.24
C MET C 144 17.91 -11.97 4.00
N GLN C 145 18.77 -11.65 3.03
CA GLN C 145 18.25 -11.07 1.78
C GLN C 145 17.33 -12.08 1.03
N ILE C 146 17.63 -13.37 1.15
N ILE C 146 17.61 -13.38 1.10
CA ILE C 146 16.82 -14.39 0.49
CA ILE C 146 16.72 -14.31 0.41
C ILE C 146 15.44 -14.47 1.15
C ILE C 146 15.38 -14.44 1.15
N ILE C 147 15.39 -14.27 2.47
CA ILE C 147 14.13 -14.22 3.22
C ILE C 147 13.31 -13.02 2.73
N ASP C 148 13.96 -11.88 2.56
CA ASP C 148 13.23 -10.72 2.08
C ASP C 148 12.61 -10.97 0.68
N MET C 149 13.38 -11.55 -0.24
CA MET C 149 12.81 -11.87 -1.57
C MET C 149 11.67 -12.86 -1.47
N ILE C 150 11.83 -13.91 -0.66
CA ILE C 150 10.75 -14.91 -0.55
C ILE C 150 9.48 -14.24 -0.02
N ARG C 151 9.63 -13.34 0.97
CA ARG C 151 8.44 -12.68 1.53
C ARG C 151 7.74 -11.86 0.43
N THR C 152 8.54 -11.16 -0.38
CA THR C 152 7.95 -10.36 -1.48
C THR C 152 7.24 -11.25 -2.49
N ILE C 153 7.93 -12.32 -2.90
CA ILE C 153 7.32 -13.25 -3.85
C ILE C 153 6.04 -13.85 -3.30
N PHE C 154 6.07 -14.29 -2.06
CA PHE C 154 4.88 -14.91 -1.50
C PHE C 154 3.74 -13.91 -1.40
N ASN C 155 4.06 -12.68 -1.02
CA ASN C 155 3.04 -11.65 -0.93
C ASN C 155 2.43 -11.37 -2.30
N ASN C 156 3.26 -11.36 -3.35
CA ASN C 156 2.77 -11.09 -4.70
C ASN C 156 1.70 -12.05 -5.13
N TYR C 157 1.85 -13.32 -4.77
CA TYR C 157 0.92 -14.32 -5.29
C TYR C 157 -0.03 -14.83 -4.19
N ILE C 158 -0.11 -14.12 -3.06
CA ILE C 158 -0.93 -14.58 -1.90
C ILE C 158 -0.69 -16.06 -1.58
N ILE C 159 0.58 -16.42 -1.50
CA ILE C 159 0.96 -17.78 -1.20
C ILE C 159 0.79 -18.06 0.29
N LYS C 160 0.21 -19.21 0.59
CA LYS C 160 -0.12 -19.61 1.98
C LYS C 160 0.95 -20.44 2.66
N THR C 161 1.92 -20.90 1.88
CA THR C 161 3.07 -21.55 2.45
C THR C 161 3.72 -20.61 3.47
N GLN C 162 4.06 -21.14 4.64
CA GLN C 162 4.73 -20.33 5.67
C GLN C 162 6.24 -20.30 5.45
N ILE C 163 6.84 -19.12 5.53
CA ILE C 163 8.28 -18.98 5.53
C ILE C 163 8.82 -19.28 6.94
N LEU C 164 9.68 -20.30 7.01
CA LEU C 164 10.26 -20.74 8.29
C LEU C 164 11.79 -20.54 8.22
N VAL C 165 12.28 -19.48 8.85
CA VAL C 165 13.69 -19.14 8.72
C VAL C 165 14.47 -20.14 9.57
N ALA C 166 15.42 -20.82 8.95
CA ALA C 166 16.19 -21.87 9.64
C ALA C 166 17.69 -21.59 9.55
N SER C 167 18.51 -22.45 10.17
CA SER C 167 19.95 -22.17 10.31
C SER C 167 20.19 -20.78 10.91
N ILE C 168 19.45 -20.48 11.97
CA ILE C 168 19.64 -19.21 12.67
C ILE C 168 20.79 -19.29 13.62
N ARG C 169 21.63 -18.26 13.60
CA ARG C 169 22.88 -18.28 14.37
C ARG C 169 22.94 -17.20 15.43
N ASN C 170 22.11 -16.15 15.33
CA ASN C 170 22.22 -15.01 16.21
C ASN C 170 20.88 -14.26 16.32
N PRO C 171 20.78 -13.31 17.27
CA PRO C 171 19.47 -12.66 17.48
C PRO C 171 19.11 -11.67 16.39
N ILE C 172 20.07 -11.32 15.57
CA ILE C 172 19.79 -10.37 14.47
C ILE C 172 19.14 -11.09 13.29
N HIS C 173 19.44 -12.38 13.08
CA HIS C 173 18.65 -13.17 12.14
C HIS C 173 17.17 -13.12 12.59
N VAL C 174 16.95 -13.26 13.89
CA VAL C 174 15.59 -13.24 14.45
C VAL C 174 14.94 -11.88 14.26
N LEU C 175 15.64 -10.81 14.67
CA LEU C 175 15.12 -9.43 14.49
C LEU C 175 14.77 -9.15 13.03
N ARG C 176 15.71 -9.46 12.12
CA ARG C 176 15.46 -9.14 10.71
C ARG C 176 14.29 -9.95 10.15
N SER C 177 14.19 -11.20 10.56
CA SER C 177 13.05 -12.04 10.19
C SER C 177 11.73 -11.40 10.58
N ALA C 178 11.66 -10.84 11.79
CA ALA C 178 10.38 -10.27 12.30
C ALA C 178 10.08 -9.00 11.52
N VAL C 179 11.13 -8.22 11.24
CA VAL C 179 10.87 -6.95 10.50
C VAL C 179 10.44 -7.23 9.07
N ILE C 180 11.05 -8.22 8.45
CA ILE C 180 10.62 -8.64 7.12
C ILE C 180 9.20 -9.21 7.13
N GLY C 181 8.88 -9.93 8.18
CA GLY C 181 7.58 -10.56 8.28
C GLY C 181 7.54 -12.05 7.94
N ALA C 182 8.65 -12.75 8.17
CA ALA C 182 8.62 -14.20 8.03
C ALA C 182 7.60 -14.80 9.00
N ASP C 183 6.97 -15.90 8.61
CA ASP C 183 5.95 -16.53 9.45
C ASP C 183 6.48 -17.14 10.73
N VAL C 184 7.67 -17.72 10.61
CA VAL C 184 8.26 -18.57 11.69
C VAL C 184 9.78 -18.41 11.67
N VAL C 185 10.41 -18.46 12.85
CA VAL C 185 11.85 -18.68 12.94
C VAL C 185 12.01 -19.94 13.75
N THR C 186 13.01 -20.72 13.42
CA THR C 186 13.36 -21.86 14.30
C THR C 186 14.78 -21.61 14.78
N VAL C 187 14.97 -21.67 16.10
N VAL C 187 14.98 -21.78 16.09
CA VAL C 187 16.22 -21.21 16.67
CA VAL C 187 16.13 -21.18 16.74
C VAL C 187 16.80 -22.27 17.60
C VAL C 187 16.78 -22.15 17.74
N PRO C 188 18.13 -22.27 17.72
CA PRO C 188 18.79 -23.12 18.73
C PRO C 188 18.50 -22.59 20.11
N PHE C 189 18.65 -23.44 21.10
CA PHE C 189 18.30 -23.07 22.47
C PHE C 189 19.10 -21.87 22.99
N ASN C 190 20.40 -21.84 22.71
N ASN C 190 20.40 -21.81 22.72
CA ASN C 190 21.26 -20.75 23.16
CA ASN C 190 21.18 -20.70 23.25
C ASN C 190 20.75 -19.42 22.62
C ASN C 190 20.70 -19.39 22.63
N VAL C 191 20.32 -19.42 21.37
CA VAL C 191 19.79 -18.19 20.76
C VAL C 191 18.46 -17.84 21.46
N LEU C 192 17.58 -18.83 21.60
CA LEU C 192 16.26 -18.62 22.23
C LEU C 192 16.44 -17.91 23.57
N LYS C 193 17.35 -18.44 24.39
CA LYS C 193 17.63 -17.93 25.73
C LYS C 193 18.02 -16.44 25.68
N SER C 194 18.86 -16.10 24.71
CA SER C 194 19.41 -14.75 24.65
C SER C 194 18.33 -13.73 24.26
N LEU C 195 17.27 -14.18 23.59
CA LEU C 195 16.24 -13.23 23.09
C LEU C 195 15.51 -12.49 24.18
N MET C 196 15.41 -13.10 25.36
CA MET C 196 14.73 -12.46 26.45
C MET C 196 15.59 -11.39 27.16
N LYS C 197 16.91 -11.41 26.94
CA LYS C 197 17.87 -10.70 27.82
C LYS C 197 18.30 -9.35 27.25
N HIS C 198 18.61 -8.41 28.13
CA HIS C 198 19.23 -7.14 27.76
C HIS C 198 19.86 -6.52 29.00
N PRO C 199 21.08 -6.00 28.88
CA PRO C 199 21.77 -5.43 30.04
C PRO C 199 20.95 -4.32 30.73
N LYS C 200 20.21 -3.52 29.96
CA LYS C 200 19.42 -2.45 30.59
C LYS C 200 18.20 -2.97 31.32
N THR C 201 17.70 -4.14 30.94
CA THR C 201 16.64 -4.80 31.72
C THR C 201 17.22 -5.20 33.08
N ASP C 202 18.37 -5.86 33.04
CA ASP C 202 19.01 -6.25 34.30
C ASP C 202 19.28 -5.04 35.20
N GLU C 203 19.83 -4.02 34.60
CA GLU C 203 20.20 -2.82 35.31
C GLU C 203 18.97 -2.13 35.89
N GLY C 204 17.90 -2.01 35.08
CA GLY C 204 16.67 -1.40 35.55
C GLY C 204 16.02 -2.14 36.72
N LEU C 205 16.06 -3.46 36.65
CA LEU C 205 15.54 -4.27 37.75
C LEU C 205 16.29 -4.01 39.05
N ALA C 206 17.61 -4.00 38.96
CA ALA C 206 18.43 -3.76 40.15
C ALA C 206 18.10 -2.41 40.78
N LYS C 207 17.94 -1.38 39.95
CA LYS C 207 17.69 -0.03 40.44
C LYS C 207 16.30 0.04 41.09
N PHE C 208 15.31 -0.60 40.47
CA PHE C 208 13.95 -0.60 41.03
C PHE C 208 13.96 -1.31 42.38
N LEU C 209 14.70 -2.42 42.46
CA LEU C 209 14.80 -3.18 43.71
C LEU C 209 15.37 -2.29 44.82
N GLU C 210 16.48 -1.63 44.51
CA GLU C 210 17.16 -0.76 45.45
C GLU C 210 16.25 0.38 45.94
N ASP C 211 15.64 1.09 45.01
CA ASP C 211 14.76 2.20 45.37
C ASP C 211 13.57 1.74 46.19
N TRP C 212 13.02 0.57 45.85
CA TRP C 212 11.87 0.07 46.58
C TRP C 212 12.26 -0.25 48.03
N LYS C 213 13.52 -0.66 48.23
CA LYS C 213 13.96 -1.00 49.59
C LYS C 213 13.79 0.18 50.52
N LYS C 214 13.91 1.39 49.97
CA LYS C 214 13.78 2.60 50.79
C LYS C 214 12.43 2.71 51.48
N VAL C 215 11.38 2.14 50.88
CA VAL C 215 10.04 2.24 51.48
C VAL C 215 9.49 0.88 51.89
N SER C 216 10.29 -0.16 51.66
CA SER C 216 9.95 -1.49 52.10
C SER C 216 11.23 -2.31 52.24
N PRO C 217 11.79 -2.35 53.45
CA PRO C 217 13.09 -2.99 53.70
C PRO C 217 13.15 -4.47 53.32
N ASP C 218 12.03 -5.18 53.38
CA ASP C 218 12.01 -6.58 52.98
C ASP C 218 11.56 -6.78 51.53
N GLY C 219 11.58 -5.70 50.76
CA GLY C 219 11.38 -5.76 49.32
C GLY C 219 10.06 -6.38 48.87
N LYS C 220 9.06 -6.31 49.73
CA LYS C 220 7.74 -6.85 49.40
C LYS C 220 6.77 -5.74 48.94
N LEU C 221 5.72 -6.17 48.23
CA LEU C 221 4.63 -5.29 47.85
C LEU C 221 3.35 -5.75 48.53
N ILE C 222 3.07 -5.13 49.68
CA ILE C 222 1.90 -5.52 50.47
C ILE C 222 0.72 -4.64 50.17
N LEU C 223 -0.25 -5.18 49.45
CA LEU C 223 -1.51 -4.49 49.21
C LEU C 223 -2.70 -5.27 49.77
N MET D 1 3.16 -17.60 -9.06
CA MET D 1 3.62 -17.47 -10.44
C MET D 1 3.46 -18.79 -11.13
N LYS D 2 2.79 -18.81 -12.27
CA LYS D 2 2.67 -20.01 -13.04
C LYS D 2 3.95 -20.27 -13.82
N ILE D 3 4.21 -21.53 -14.08
CA ILE D 3 5.37 -21.90 -14.89
C ILE D 3 4.87 -22.72 -16.05
N PHE D 4 5.15 -22.23 -17.27
CA PHE D 4 4.89 -23.02 -18.47
C PHE D 4 6.18 -23.61 -19.00
N LEU D 5 6.06 -24.80 -19.56
CA LEU D 5 7.17 -25.42 -20.25
C LEU D 5 7.13 -25.04 -21.74
N ASP D 6 8.23 -24.51 -22.22
CA ASP D 6 8.39 -24.09 -23.60
C ASP D 6 8.86 -25.34 -24.38
N THR D 7 7.95 -26.30 -24.61
CA THR D 7 8.30 -27.61 -25.18
C THR D 7 7.12 -28.38 -25.80
N ALA D 8 7.44 -29.39 -26.62
CA ALA D 8 6.42 -30.27 -27.18
C ALA D 8 6.74 -31.72 -26.86
N ASN D 9 7.73 -31.95 -26.00
CA ASN D 9 8.07 -33.29 -25.55
C ASN D 9 7.12 -33.73 -24.43
N ILE D 10 6.35 -34.79 -24.69
CA ILE D 10 5.34 -35.28 -23.75
C ILE D 10 5.96 -35.80 -22.44
N ASP D 11 7.14 -36.42 -22.53
CA ASP D 11 7.84 -36.91 -21.36
C ASP D 11 8.30 -35.75 -20.45
N GLU D 12 8.82 -34.68 -21.06
CA GLU D 12 9.20 -33.50 -20.30
C GLU D 12 7.95 -33.00 -19.55
N ILE D 13 6.87 -32.86 -20.29
CA ILE D 13 5.63 -32.35 -19.71
C ILE D 13 5.11 -33.18 -18.52
N ARG D 14 5.02 -34.49 -18.72
CA ARG D 14 4.59 -35.40 -17.66
C ARG D 14 5.49 -35.26 -16.44
N THR D 15 6.79 -35.23 -16.67
CA THR D 15 7.72 -35.10 -15.56
C THR D 15 7.57 -33.80 -14.74
N GLY D 16 7.40 -32.66 -15.44
CA GLY D 16 7.27 -31.38 -14.79
C GLY D 16 5.98 -31.26 -14.00
N VAL D 17 4.91 -31.85 -14.56
CA VAL D 17 3.61 -31.92 -13.89
C VAL D 17 3.67 -32.75 -12.60
N ASN D 18 4.44 -33.85 -12.60
CA ASN D 18 4.59 -34.66 -11.37
C ASN D 18 5.35 -33.93 -10.29
N TRP D 19 6.27 -33.05 -10.70
CA TRP D 19 6.94 -32.16 -9.76
C TRP D 19 6.00 -31.14 -9.12
N GLY D 20 4.84 -30.93 -9.74
CA GLY D 20 3.79 -30.11 -9.15
C GLY D 20 4.05 -28.65 -9.47
N ILE D 21 4.94 -28.40 -10.44
CA ILE D 21 5.40 -27.05 -10.68
C ILE D 21 5.22 -26.63 -12.15
N VAL D 22 4.48 -27.39 -12.94
CA VAL D 22 4.19 -26.99 -14.32
C VAL D 22 2.71 -26.79 -14.54
N ASP D 23 2.35 -25.66 -15.12
CA ASP D 23 0.96 -25.25 -15.14
C ASP D 23 0.38 -25.24 -16.53
N GLY D 24 1.24 -25.45 -17.50
CA GLY D 24 0.84 -25.28 -18.89
C GLY D 24 2.04 -25.41 -19.79
N VAL D 25 1.82 -25.29 -21.10
CA VAL D 25 2.88 -25.42 -22.09
C VAL D 25 2.77 -24.35 -23.21
N THR D 26 3.91 -23.90 -23.73
CA THR D 26 3.94 -23.04 -24.91
C THR D 26 4.71 -23.77 -26.01
N THR D 27 4.08 -23.90 -27.17
N THR D 27 4.24 -23.63 -27.25
CA THR D 27 4.64 -24.66 -28.28
CA THR D 27 4.88 -24.18 -28.47
C THR D 27 4.77 -23.75 -29.48
C THR D 27 5.08 -23.04 -29.51
N ASN D 28 5.47 -24.22 -30.49
N ASN D 28 5.75 -23.31 -30.65
CA ASN D 28 5.63 -23.46 -31.71
CA ASN D 28 6.18 -22.17 -31.48
C ASN D 28 5.95 -24.51 -32.74
C ASN D 28 6.88 -22.49 -32.84
N PRO D 29 5.85 -24.18 -34.05
N PRO D 29 6.71 -21.64 -33.90
CA PRO D 29 5.97 -25.29 -35.01
CA PRO D 29 7.05 -22.06 -35.27
C PRO D 29 7.31 -26.00 -34.98
C PRO D 29 8.51 -22.48 -35.41
N THR D 30 8.37 -25.29 -34.62
N THR D 30 9.43 -21.71 -34.86
CA THR D 30 9.69 -25.91 -34.53
CA THR D 30 10.83 -22.14 -34.82
C THR D 30 9.74 -26.97 -33.42
C THR D 30 10.99 -23.42 -34.01
N LEU D 31 9.26 -26.62 -32.23
N LEU D 31 10.32 -23.48 -32.86
CA LEU D 31 9.24 -27.56 -31.12
CA LEU D 31 10.43 -24.62 -31.95
C LEU D 31 8.43 -28.81 -31.45
C LEU D 31 9.84 -25.87 -32.60
N ILE D 32 7.28 -28.61 -32.09
N ILE D 32 8.85 -25.68 -33.47
CA ILE D 32 6.40 -29.74 -32.42
CA ILE D 32 8.21 -26.77 -34.22
C ILE D 32 7.05 -30.62 -33.47
C ILE D 32 9.17 -27.25 -35.32
N SER D 33 7.55 -30.01 -34.52
N SER D 33 9.85 -26.31 -35.94
CA SER D 33 8.21 -30.71 -35.61
CA SER D 33 10.73 -26.54 -37.09
C SER D 33 9.35 -31.58 -35.09
C SER D 33 11.97 -27.36 -36.76
N LYS D 34 10.08 -31.05 -34.11
N LYS D 34 12.17 -27.59 -35.48
CA LYS D 34 11.17 -31.75 -33.45
CA LYS D 34 13.36 -28.25 -34.96
C LYS D 34 10.74 -33.13 -32.91
C LYS D 34 13.05 -29.70 -34.66
N GLU D 35 9.51 -33.19 -32.39
N GLU D 35 11.77 -29.99 -34.53
CA GLU D 35 8.99 -34.42 -31.78
CA GLU D 35 11.30 -31.34 -34.26
C GLU D 35 8.37 -35.37 -32.79
C GLU D 35 10.45 -31.88 -35.41
N ALA D 36 8.07 -34.90 -33.99
CA ALA D 36 7.49 -35.75 -35.01
C ALA D 36 8.59 -36.60 -35.59
N VAL D 37 8.96 -37.63 -34.86
CA VAL D 37 10.08 -38.48 -35.25
C VAL D 37 9.78 -39.92 -34.83
N ASN D 38 10.33 -40.87 -35.59
CA ASN D 38 10.01 -42.29 -35.49
C ASN D 38 8.54 -42.55 -35.84
N GLY D 39 8.05 -41.79 -36.81
CA GLY D 39 6.71 -42.00 -37.36
C GLY D 39 5.64 -41.07 -36.83
N LYS D 40 5.97 -40.25 -35.83
CA LYS D 40 4.96 -39.43 -35.15
C LYS D 40 4.42 -38.30 -36.02
N LYS D 41 3.10 -38.21 -36.09
CA LYS D 41 2.40 -37.14 -36.80
C LYS D 41 2.47 -35.83 -36.01
N TYR D 42 2.81 -34.75 -36.74
N TYR D 42 4.52 -31.76 -38.10
CA TYR D 42 2.79 -33.39 -36.22
CA TYR D 42 4.09 -30.74 -37.15
C TYR D 42 1.52 -33.09 -35.42
C TYR D 42 2.69 -31.01 -36.65
N GLY D 43 0.36 -33.30 -36.04
N GLY D 43 1.91 -31.67 -37.48
CA GLY D 43 -0.91 -32.99 -35.42
CA GLY D 43 0.54 -32.00 -37.13
C GLY D 43 -1.27 -33.91 -34.26
C GLY D 43 0.51 -33.05 -36.06
N ASP D 44 -0.68 -35.10 -34.25
N ASP D 44 1.52 -33.93 -36.02
CA ASP D 44 -0.92 -36.06 -33.17
CA ASP D 44 1.66 -34.92 -34.96
C ASP D 44 -0.21 -35.63 -31.90
C ASP D 44 2.06 -34.27 -33.64
N ILE D 45 0.98 -35.07 -32.07
N ILE D 45 3.09 -33.45 -33.71
CA ILE D 45 1.71 -34.48 -30.96
CA ILE D 45 3.70 -32.80 -32.55
C ILE D 45 0.89 -33.39 -30.31
C ILE D 45 2.69 -32.07 -31.68
N ILE D 46 0.36 -32.49 -31.13
N ILE D 46 1.90 -31.19 -32.29
CA ILE D 46 -0.40 -31.36 -30.60
CA ILE D 46 0.92 -30.40 -31.55
C ILE D 46 -1.67 -31.86 -29.90
C ILE D 46 -0.13 -31.29 -30.90
N ARG D 47 -2.40 -32.77 -30.54
N ARG D 47 -0.63 -32.29 -31.63
CA ARG D 47 -3.63 -33.25 -29.92
CA ARG D 47 -1.69 -33.18 -31.12
C ARG D 47 -3.37 -34.02 -28.64
C ARG D 47 -1.16 -33.93 -29.91
N GLU D 48 -2.27 -34.78 -28.59
N GLU D 48 0.12 -34.27 -29.97
CA GLU D 48 -1.88 -35.47 -27.38
CA GLU D 48 0.80 -34.98 -28.92
C GLU D 48 -1.57 -34.49 -26.24
C GLU D 48 0.99 -34.17 -27.65
N ILE D 49 -0.85 -33.42 -26.55
N ILE D 49 1.45 -32.93 -27.82
CA ILE D 49 -0.49 -32.42 -25.54
CA ILE D 49 1.69 -32.07 -26.68
C ILE D 49 -1.76 -31.75 -24.99
C ILE D 49 0.37 -31.74 -25.97
N LEU D 50 -2.67 -31.41 -25.88
N LEU D 50 -0.66 -31.39 -26.75
CA LEU D 50 -3.93 -30.79 -25.46
CA LEU D 50 -1.99 -31.12 -26.18
C LEU D 50 -4.77 -31.72 -24.57
C LEU D 50 -2.43 -32.25 -25.24
N LYS D 51 -4.73 -33.02 -24.86
N LYS D 51 -2.07 -33.48 -25.61
CA LYS D 51 -5.50 -33.99 -24.08
CA LYS D 51 -2.43 -34.69 -24.87
C LYS D 51 -4.92 -34.17 -22.68
C LYS D 51 -1.72 -34.90 -23.52
N ILE D 52 -3.61 -34.30 -22.60
N ILE D 52 -0.40 -34.69 -23.47
CA ILE D 52 -2.93 -34.65 -21.35
CA ILE D 52 0.35 -34.84 -22.21
C ILE D 52 -2.86 -33.47 -20.39
C ILE D 52 0.07 -33.71 -21.21
N VAL D 53 -2.63 -32.28 -20.94
N VAL D 53 -0.33 -32.54 -21.71
CA VAL D 53 -2.36 -31.12 -20.10
CA VAL D 53 -0.56 -31.39 -20.85
C VAL D 53 -3.65 -30.49 -19.57
C VAL D 53 -2.02 -31.28 -20.43
N ASP D 54 -3.75 -30.46 -18.25
N ASP D 54 -2.27 -30.81 -19.21
CA ASP D 54 -4.85 -29.85 -17.53
CA ASP D 54 -3.63 -30.44 -18.80
C ASP D 54 -4.52 -28.37 -17.32
C ASP D 54 -3.96 -28.98 -19.15
N GLY D 55 -4.84 -27.55 -18.31
N GLY D 55 -3.32 -28.04 -18.45
CA GLY D 55 -4.35 -26.18 -18.30
CA GLY D 55 -3.72 -26.64 -18.52
C GLY D 55 -3.91 -25.79 -19.69
C GLY D 55 -3.42 -25.95 -19.84
N PRO D 56 -3.31 -24.59 -19.83
CA PRO D 56 -3.12 -23.90 -21.11
C PRO D 56 -1.99 -24.45 -21.97
N VAL D 57 -2.26 -24.51 -23.26
CA VAL D 57 -1.30 -24.94 -24.25
C VAL D 57 -1.28 -23.91 -25.42
N SER D 58 -0.20 -23.13 -25.57
CA SER D 58 -0.14 -22.13 -26.63
C SER D 58 0.34 -22.71 -27.96
N VAL D 59 -0.41 -22.39 -29.01
CA VAL D 59 -0.16 -22.89 -30.36
C VAL D 59 -0.13 -21.71 -31.35
N GLN D 60 0.91 -21.63 -32.17
CA GLN D 60 1.12 -20.46 -33.01
C GLN D 60 0.26 -20.49 -34.27
N VAL D 61 -0.28 -19.34 -34.68
CA VAL D 61 -0.85 -19.23 -36.04
C VAL D 61 0.27 -18.81 -36.98
N VAL D 62 0.21 -19.31 -38.20
CA VAL D 62 1.24 -18.96 -39.16
C VAL D 62 0.76 -17.91 -40.16
N SER D 63 -0.55 -17.81 -40.40
CA SER D 63 -1.04 -16.74 -41.27
C SER D 63 -0.64 -15.37 -40.72
N THR D 64 -0.41 -14.43 -41.61
CA THR D 64 -0.03 -13.07 -41.20
C THR D 64 -1.16 -12.09 -41.45
N LYS D 65 -2.21 -12.54 -42.13
CA LYS D 65 -3.33 -11.66 -42.39
C LYS D 65 -4.55 -12.01 -41.54
N TYR D 66 -5.37 -11.01 -41.26
CA TYR D 66 -6.49 -11.15 -40.34
C TYR D 66 -7.35 -12.38 -40.64
N GLU D 67 -7.81 -12.55 -41.87
CA GLU D 67 -8.75 -13.64 -42.14
C GLU D 67 -8.11 -15.01 -41.94
N GLY D 68 -6.87 -15.17 -42.39
CA GLY D 68 -6.14 -16.39 -42.19
C GLY D 68 -5.92 -16.69 -40.71
N MET D 69 -5.57 -15.68 -39.94
CA MET D 69 -5.35 -15.86 -38.52
C MET D 69 -6.59 -16.36 -37.79
N VAL D 70 -7.75 -15.73 -38.04
CA VAL D 70 -8.93 -16.13 -37.31
C VAL D 70 -9.42 -17.49 -37.77
N GLU D 71 -9.24 -17.82 -39.05
CA GLU D 71 -9.67 -19.12 -39.50
C GLU D 71 -8.77 -20.21 -38.88
N GLU D 72 -7.45 -19.98 -38.83
CA GLU D 72 -6.57 -20.91 -38.14
C GLU D 72 -6.88 -21.00 -36.65
N ALA D 73 -7.13 -19.86 -36.02
CA ALA D 73 -7.36 -19.82 -34.57
C ALA D 73 -8.58 -20.66 -34.24
N ARG D 74 -9.59 -20.59 -35.10
CA ARG D 74 -10.79 -21.39 -34.87
C ARG D 74 -10.49 -22.88 -34.96
N LYS D 75 -9.69 -23.28 -35.94
CA LYS D 75 -9.29 -24.70 -36.05
C LYS D 75 -8.63 -25.12 -34.74
N ILE D 76 -7.58 -24.38 -34.35
CA ILE D 76 -6.81 -24.66 -33.14
C ILE D 76 -7.74 -24.78 -31.92
N HIS D 77 -8.67 -23.85 -31.76
CA HIS D 77 -9.63 -23.86 -30.66
C HIS D 77 -10.41 -25.18 -30.62
N GLY D 78 -10.72 -25.71 -31.82
CA GLY D 78 -11.49 -26.93 -31.94
C GLY D 78 -10.75 -28.17 -31.47
N LEU D 79 -9.43 -28.07 -31.33
CA LEU D 79 -8.61 -29.20 -30.89
C LEU D 79 -8.65 -29.43 -29.38
N GLY D 80 -9.13 -28.45 -28.62
CA GLY D 80 -9.17 -28.58 -27.18
C GLY D 80 -9.49 -27.25 -26.53
N ASP D 81 -10.29 -27.29 -25.48
CA ASP D 81 -10.72 -26.07 -24.78
C ASP D 81 -9.55 -25.33 -24.12
N ASN D 82 -8.43 -26.02 -23.90
CA ASN D 82 -7.29 -25.43 -23.24
C ASN D 82 -6.25 -24.90 -24.22
N ALA D 83 -6.53 -25.03 -25.51
CA ALA D 83 -5.63 -24.47 -26.50
C ALA D 83 -5.69 -22.95 -26.41
N VAL D 84 -4.54 -22.32 -26.58
CA VAL D 84 -4.43 -20.89 -26.54
C VAL D 84 -3.75 -20.50 -27.85
N VAL D 85 -4.32 -19.54 -28.56
CA VAL D 85 -3.84 -19.19 -29.90
C VAL D 85 -2.85 -18.06 -29.82
N LYS D 86 -1.65 -18.28 -30.35
CA LYS D 86 -0.58 -17.29 -30.33
C LYS D 86 -0.66 -16.45 -31.58
N ILE D 87 -0.69 -15.16 -31.35
CA ILE D 87 -0.91 -14.16 -32.38
C ILE D 87 0.10 -13.04 -32.20
N PRO D 88 0.80 -12.65 -33.27
CA PRO D 88 1.84 -11.63 -33.09
C PRO D 88 1.28 -10.20 -32.92
N MET D 89 2.08 -9.32 -32.34
CA MET D 89 1.72 -7.91 -32.15
C MET D 89 1.84 -7.20 -33.50
N THR D 90 0.76 -7.22 -34.28
CA THR D 90 0.69 -6.47 -35.54
C THR D 90 -0.72 -5.91 -35.65
N GLU D 91 -0.93 -5.07 -36.66
CA GLU D 91 -2.25 -4.48 -36.87
C GLU D 91 -3.30 -5.58 -37.05
N ASP D 92 -3.02 -6.53 -37.94
CA ASP D 92 -3.97 -7.60 -38.16
C ASP D 92 -4.07 -8.51 -36.94
N GLY D 93 -2.97 -8.63 -36.21
CA GLY D 93 -2.98 -9.43 -34.99
C GLY D 93 -3.94 -8.86 -33.95
N LEU D 94 -3.91 -7.54 -33.80
CA LEU D 94 -4.81 -6.91 -32.84
C LEU D 94 -6.26 -7.10 -33.29
N ARG D 95 -6.53 -6.97 -34.58
CA ARG D 95 -7.90 -7.17 -35.06
C ARG D 95 -8.32 -8.60 -34.77
N ALA D 96 -7.42 -9.55 -34.99
CA ALA D 96 -7.74 -10.94 -34.73
C ALA D 96 -7.98 -11.25 -33.25
N ILE D 97 -7.14 -10.69 -32.37
CA ILE D 97 -7.35 -10.82 -30.92
C ILE D 97 -8.73 -10.27 -30.53
N LYS D 98 -9.09 -9.11 -31.04
CA LYS D 98 -10.41 -8.55 -30.69
C LYS D 98 -11.56 -9.51 -31.11
N THR D 99 -11.50 -9.99 -32.34
CA THR D 99 -12.50 -10.93 -32.87
C THR D 99 -12.55 -12.24 -32.07
N LEU D 100 -11.38 -12.84 -31.83
CA LEU D 100 -11.32 -14.11 -31.12
C LEU D 100 -11.76 -13.97 -29.66
N SER D 101 -11.42 -12.84 -29.05
CA SER D 101 -11.83 -12.57 -27.67
C SER D 101 -13.36 -12.62 -27.59
N SER D 102 -14.03 -12.04 -28.59
CA SER D 102 -15.48 -12.03 -28.60
C SER D 102 -16.06 -13.43 -28.73
N GLU D 103 -15.29 -14.33 -29.34
CA GLU D 103 -15.73 -15.70 -29.53
C GLU D 103 -15.31 -16.59 -28.37
N HIS D 104 -14.69 -15.97 -27.36
CA HIS D 104 -14.20 -16.70 -26.17
C HIS D 104 -13.17 -17.75 -26.50
N ILE D 105 -12.29 -17.39 -27.43
CA ILE D 105 -11.12 -18.19 -27.74
C ILE D 105 -9.93 -17.51 -27.12
N ASN D 106 -9.22 -18.24 -26.27
CA ASN D 106 -8.10 -17.65 -25.54
C ASN D 106 -6.92 -17.39 -26.45
N THR D 107 -6.19 -16.33 -26.13
CA THR D 107 -5.15 -15.82 -27.03
C THR D 107 -3.91 -15.44 -26.26
N ASN D 108 -2.77 -15.43 -26.96
CA ASN D 108 -1.50 -15.10 -26.38
C ASN D 108 -0.78 -14.23 -27.38
N CYS D 109 -0.52 -12.97 -27.02
CA CYS D 109 0.07 -12.03 -27.99
C CYS D 109 1.59 -12.08 -27.85
N THR D 110 2.26 -12.41 -28.94
N THR D 110 2.25 -12.52 -28.92
CA THR D 110 3.69 -12.69 -28.90
CA THR D 110 3.70 -12.67 -28.91
C THR D 110 4.45 -11.60 -29.66
C THR D 110 4.45 -11.53 -29.57
N LEU D 111 5.78 -11.58 -29.48
CA LEU D 111 6.66 -10.55 -30.07
C LEU D 111 6.34 -9.16 -29.51
N VAL D 112 6.14 -9.11 -28.19
CA VAL D 112 5.96 -7.88 -27.46
C VAL D 112 7.32 -7.45 -26.91
N PHE D 113 7.68 -6.19 -27.20
CA PHE D 113 9.00 -5.66 -26.83
C PHE D 113 8.97 -4.38 -26.00
N ASN D 114 7.81 -3.76 -25.85
CA ASN D 114 7.74 -2.61 -24.92
C ASN D 114 6.41 -2.64 -24.16
N PRO D 115 6.26 -1.78 -23.13
CA PRO D 115 5.03 -1.93 -22.34
C PRO D 115 3.77 -1.44 -23.02
N ILE D 116 3.91 -0.51 -23.95
CA ILE D 116 2.69 -0.02 -24.58
C ILE D 116 2.17 -1.06 -25.56
N GLN D 117 3.05 -1.79 -26.25
CA GLN D 117 2.56 -2.92 -27.04
C GLN D 117 1.74 -3.88 -26.16
N ALA D 118 2.25 -4.16 -24.95
CA ALA D 118 1.57 -5.09 -24.04
C ALA D 118 0.18 -4.53 -23.67
N LEU D 119 0.13 -3.24 -23.36
CA LEU D 119 -1.17 -2.61 -23.06
C LEU D 119 -2.18 -2.69 -24.24
N LEU D 120 -1.73 -2.47 -25.47
CA LEU D 120 -2.64 -2.53 -26.63
C LEU D 120 -3.17 -3.93 -26.77
N ALA D 121 -2.33 -4.93 -26.57
CA ALA D 121 -2.83 -6.29 -26.67
C ALA D 121 -3.86 -6.60 -25.58
N ALA D 122 -3.63 -6.09 -24.36
CA ALA D 122 -4.59 -6.27 -23.25
C ALA D 122 -5.91 -5.56 -23.60
N LYS D 123 -5.83 -4.37 -24.17
CA LYS D 123 -7.04 -3.63 -24.56
C LYS D 123 -7.85 -4.36 -25.63
N ALA D 124 -7.17 -5.06 -26.53
CA ALA D 124 -7.89 -5.88 -27.53
C ALA D 124 -8.55 -7.14 -26.95
N GLY D 125 -8.20 -7.48 -25.70
CA GLY D 125 -8.85 -8.59 -25.01
C GLY D 125 -8.01 -9.83 -24.81
N VAL D 126 -6.70 -9.70 -25.07
CA VAL D 126 -5.83 -10.87 -25.08
C VAL D 126 -5.74 -11.56 -23.70
N THR D 127 -5.60 -12.88 -23.72
CA THR D 127 -5.54 -13.64 -22.47
C THR D 127 -4.15 -13.53 -21.81
N TYR D 128 -3.12 -13.58 -22.64
CA TYR D 128 -1.72 -13.49 -22.19
C TYR D 128 -0.97 -12.54 -23.11
N VAL D 129 -0.02 -11.82 -22.55
N VAL D 129 -0.03 -11.79 -22.54
CA VAL D 129 0.93 -11.08 -23.36
CA VAL D 129 0.98 -11.07 -23.33
C VAL D 129 2.34 -11.64 -23.08
C VAL D 129 2.35 -11.69 -23.06
N SER D 130 3.13 -11.89 -24.12
CA SER D 130 4.44 -12.55 -24.01
C SER D 130 5.59 -11.63 -24.46
N PRO D 131 6.18 -10.87 -23.55
CA PRO D 131 7.36 -10.05 -23.85
C PRO D 131 8.59 -10.95 -23.91
N TYR D 132 9.42 -10.79 -24.94
CA TYR D 132 10.60 -11.64 -25.16
C TYR D 132 11.85 -11.01 -24.51
N VAL D 133 12.06 -11.25 -23.22
CA VAL D 133 13.08 -10.51 -22.47
C VAL D 133 14.51 -10.79 -22.96
N GLY D 134 14.80 -12.03 -23.30
CA GLY D 134 16.16 -12.37 -23.70
C GLY D 134 16.54 -11.71 -25.02
N ARG D 135 15.55 -11.43 -25.88
CA ARG D 135 15.85 -10.75 -27.15
C ARG D 135 16.07 -9.29 -26.95
N LEU D 136 15.56 -8.73 -25.87
CA LEU D 136 15.95 -7.35 -25.50
C LEU D 136 17.37 -7.37 -24.91
N ASP D 137 17.66 -8.35 -24.03
CA ASP D 137 19.02 -8.47 -23.49
C ASP D 137 20.00 -8.57 -24.67
N ASP D 138 19.60 -9.29 -25.70
CA ASP D 138 20.48 -9.52 -26.87
C ASP D 138 20.92 -8.19 -27.52
N ILE D 139 20.07 -7.17 -27.44
CA ILE D 139 20.40 -5.89 -28.07
C ILE D 139 20.79 -4.82 -27.07
N GLY D 140 21.21 -5.25 -25.87
CA GLY D 140 21.81 -4.33 -24.93
C GLY D 140 20.86 -3.49 -24.12
N GLU D 141 19.62 -3.99 -23.98
CA GLU D 141 18.60 -3.40 -23.14
C GLU D 141 18.16 -4.45 -22.10
N ASP D 142 18.10 -4.07 -20.83
CA ASP D 142 17.70 -5.03 -19.78
C ASP D 142 16.21 -5.36 -19.93
N GLY D 143 15.92 -6.52 -20.51
CA GLY D 143 14.55 -6.88 -20.81
C GLY D 143 13.63 -6.97 -19.60
N MET D 144 14.19 -7.26 -18.42
CA MET D 144 13.31 -7.35 -17.24
C MET D 144 12.68 -6.01 -16.86
N GLN D 145 13.31 -4.90 -17.23
CA GLN D 145 12.70 -3.59 -16.96
C GLN D 145 11.36 -3.42 -17.66
N ILE D 146 11.20 -4.02 -18.84
CA ILE D 146 9.93 -3.92 -19.54
C ILE D 146 8.86 -4.72 -18.77
N ILE D 147 9.25 -5.87 -18.20
CA ILE D 147 8.29 -6.64 -17.38
C ILE D 147 7.84 -5.83 -16.16
N ASP D 148 8.79 -5.12 -15.56
CA ASP D 148 8.45 -4.34 -14.38
C ASP D 148 7.43 -3.24 -14.75
N MET D 149 7.68 -2.54 -15.84
CA MET D 149 6.70 -1.51 -16.23
C MET D 149 5.33 -2.08 -16.62
N ILE D 150 5.30 -3.21 -17.32
CA ILE D 150 4.01 -3.84 -17.65
C ILE D 150 3.25 -4.22 -16.37
N ARG D 151 3.97 -4.75 -15.37
CA ARG D 151 3.30 -5.13 -14.12
C ARG D 151 2.66 -3.91 -13.46
N THR D 152 3.39 -2.80 -13.45
CA THR D 152 2.85 -1.56 -12.90
C THR D 152 1.63 -1.04 -13.68
N ILE D 153 1.77 -0.99 -14.98
CA ILE D 153 0.64 -0.58 -15.84
C ILE D 153 -0.58 -1.47 -15.62
N PHE D 154 -0.37 -2.77 -15.62
CA PHE D 154 -1.49 -3.69 -15.46
C PHE D 154 -2.12 -3.54 -14.08
N ASN D 155 -1.29 -3.37 -13.05
CA ASN D 155 -1.84 -3.17 -11.70
C ASN D 155 -2.68 -1.86 -11.64
N ASN D 156 -2.20 -0.82 -12.31
CA ASN D 156 -2.89 0.48 -12.27
C ASN D 156 -4.33 0.38 -12.73
N TYR D 157 -4.57 -0.48 -13.72
CA TYR D 157 -5.88 -0.52 -14.36
C TYR D 157 -6.61 -1.83 -14.07
N ILE D 158 -6.09 -2.61 -13.14
CA ILE D 158 -6.68 -3.92 -12.81
C ILE D 158 -6.93 -4.77 -14.05
N ILE D 159 -5.91 -4.84 -14.88
CA ILE D 159 -6.01 -5.55 -16.14
C ILE D 159 -5.88 -7.03 -15.84
N LYS D 160 -6.73 -7.81 -16.48
CA LYS D 160 -6.79 -9.25 -16.23
C LYS D 160 -5.93 -10.08 -17.19
N THR D 161 -5.42 -9.46 -18.25
CA THR D 161 -4.41 -10.12 -19.09
C THR D 161 -3.24 -10.58 -18.23
N GLN D 162 -2.78 -11.81 -18.44
CA GLN D 162 -1.65 -12.34 -17.70
C GLN D 162 -0.34 -11.99 -18.40
N ILE D 163 0.67 -11.60 -17.61
CA ILE D 163 2.00 -11.32 -18.14
C ILE D 163 2.74 -12.63 -18.18
N LEU D 164 3.17 -13.02 -19.38
CA LEU D 164 3.83 -14.32 -19.59
C LEU D 164 5.24 -14.01 -20.08
N VAL D 165 6.20 -14.14 -19.18
CA VAL D 165 7.56 -13.78 -19.54
C VAL D 165 8.14 -14.87 -20.44
N ALA D 166 8.63 -14.46 -21.60
CA ALA D 166 9.16 -15.41 -22.59
C ALA D 166 10.57 -15.03 -23.03
N SER D 167 11.13 -15.84 -23.94
CA SER D 167 12.55 -15.73 -24.28
C SER D 167 13.41 -15.67 -23.02
N ILE D 168 13.13 -16.58 -22.08
CA ILE D 168 13.89 -16.65 -20.84
C ILE D 168 15.18 -17.39 -21.10
N ARG D 169 16.28 -16.89 -20.54
CA ARG D 169 17.62 -17.43 -20.86
C ARG D 169 18.35 -17.96 -19.64
N ASN D 170 17.90 -17.56 -18.44
CA ASN D 170 18.64 -17.92 -17.22
C ASN D 170 17.76 -17.82 -15.97
N PRO D 171 18.24 -18.36 -14.82
CA PRO D 171 17.38 -18.40 -13.63
C PRO D 171 17.13 -17.04 -13.00
N ILE D 172 17.90 -16.02 -13.38
CA ILE D 172 17.67 -14.69 -12.83
C ILE D 172 16.54 -13.97 -13.56
N HIS D 173 16.31 -14.27 -14.83
CA HIS D 173 15.05 -13.83 -15.47
C HIS D 173 13.87 -14.35 -14.65
N VAL D 174 13.98 -15.60 -14.18
CA VAL D 174 12.89 -16.22 -13.43
C VAL D 174 12.73 -15.59 -12.05
N LEU D 175 13.85 -15.45 -11.32
CA LEU D 175 13.82 -14.80 -10.03
C LEU D 175 13.23 -13.39 -10.12
N ARG D 176 13.74 -12.60 -11.08
CA ARG D 176 13.25 -11.23 -11.19
C ARG D 176 11.77 -11.20 -11.57
N SER D 177 11.34 -12.14 -12.42
CA SER D 177 9.92 -12.20 -12.81
C SER D 177 9.04 -12.42 -11.58
N ALA D 178 9.48 -13.29 -10.68
CA ALA D 178 8.74 -13.58 -9.44
C ALA D 178 8.72 -12.42 -8.46
N VAL D 179 9.86 -11.74 -8.33
CA VAL D 179 9.92 -10.60 -7.43
C VAL D 179 9.06 -9.44 -7.96
N ILE D 180 9.08 -9.25 -9.27
CA ILE D 180 8.19 -8.24 -9.90
C ILE D 180 6.73 -8.61 -9.74
N GLY D 181 6.42 -9.91 -9.84
CA GLY D 181 5.03 -10.36 -9.77
C GLY D 181 4.39 -10.71 -11.11
N ALA D 182 5.21 -11.04 -12.10
CA ALA D 182 4.69 -11.54 -13.37
C ALA D 182 3.82 -12.74 -13.15
N ASP D 183 2.77 -12.88 -13.95
CA ASP D 183 1.82 -13.96 -13.74
C ASP D 183 2.38 -15.34 -14.09
N VAL D 184 3.16 -15.38 -15.17
CA VAL D 184 3.67 -16.66 -15.73
C VAL D 184 5.08 -16.45 -16.24
N VAL D 185 5.90 -17.49 -16.17
CA VAL D 185 7.13 -17.56 -16.98
C VAL D 185 7.03 -18.81 -17.84
N THR D 186 7.56 -18.78 -19.06
CA THR D 186 7.72 -20.00 -19.84
C THR D 186 9.21 -20.25 -20.04
N VAL D 187 9.61 -21.49 -19.79
CA VAL D 187 11.00 -21.85 -19.73
C VAL D 187 11.18 -23.21 -20.40
N PRO D 188 12.33 -23.40 -21.04
CA PRO D 188 12.79 -24.70 -21.54
C PRO D 188 12.91 -25.71 -20.40
N PHE D 189 12.80 -27.01 -20.69
CA PHE D 189 12.87 -28.04 -19.65
C PHE D 189 14.19 -27.95 -18.88
N ASN D 190 15.24 -27.49 -19.54
CA ASN D 190 16.55 -27.48 -18.89
C ASN D 190 16.75 -26.27 -17.97
N VAL D 191 16.19 -25.12 -18.35
CA VAL D 191 16.15 -24.04 -17.39
C VAL D 191 15.32 -24.53 -16.21
N LEU D 192 14.16 -25.14 -16.48
CA LEU D 192 13.28 -25.61 -15.42
C LEU D 192 14.04 -26.49 -14.42
N LYS D 193 14.78 -27.48 -14.92
CA LYS D 193 15.52 -28.39 -14.03
C LYS D 193 16.57 -27.65 -13.20
N SER D 194 17.24 -26.68 -13.81
CA SER D 194 18.26 -25.92 -13.08
C SER D 194 17.65 -25.14 -11.89
N LEU D 195 16.37 -24.80 -11.97
CA LEU D 195 15.76 -23.93 -10.97
C LEU D 195 15.70 -24.61 -9.61
N MET D 196 15.75 -25.93 -9.60
CA MET D 196 15.70 -26.66 -8.32
C MET D 196 17.03 -26.80 -7.61
N LYS D 197 18.11 -26.49 -8.32
CA LYS D 197 19.45 -26.90 -7.87
C LYS D 197 20.16 -25.80 -7.11
N HIS D 198 20.94 -26.23 -6.10
CA HIS D 198 21.88 -25.35 -5.41
C HIS D 198 22.96 -26.22 -4.76
N PRO D 199 24.22 -25.77 -4.84
CA PRO D 199 25.31 -26.60 -4.29
C PRO D 199 25.15 -26.83 -2.78
N LYS D 200 24.59 -25.89 -2.05
CA LYS D 200 24.39 -26.13 -0.61
C LYS D 200 23.27 -27.12 -0.31
N THR D 201 22.32 -27.26 -1.21
CA THR D 201 21.29 -28.29 -1.04
C THR D 201 22.00 -29.65 -1.14
N ASP D 202 22.84 -29.83 -2.16
CA ASP D 202 23.54 -31.12 -2.32
C ASP D 202 24.47 -31.42 -1.16
N GLU D 203 25.24 -30.43 -0.74
N GLU D 203 25.25 -30.42 -0.76
CA GLU D 203 26.16 -30.61 0.37
CA GLU D 203 26.16 -30.54 0.38
C GLU D 203 25.42 -30.92 1.68
C GLU D 203 25.42 -30.89 1.67
N GLY D 204 24.29 -30.23 1.89
CA GLY D 204 23.51 -30.44 3.11
C GLY D 204 22.92 -31.84 3.15
N LEU D 205 22.43 -32.31 2.02
CA LEU D 205 21.82 -33.63 1.95
C LEU D 205 22.87 -34.70 2.28
N ALA D 206 24.05 -34.53 1.69
CA ALA D 206 25.10 -35.50 1.87
C ALA D 206 25.47 -35.59 3.37
N LYS D 207 25.52 -34.44 4.03
CA LYS D 207 25.90 -34.42 5.45
C LYS D 207 24.79 -35.07 6.33
N PHE D 208 23.53 -34.75 6.03
CA PHE D 208 22.42 -35.34 6.79
C PHE D 208 22.48 -36.83 6.66
N LEU D 209 22.73 -37.32 5.45
CA LEU D 209 22.71 -38.78 5.26
C LEU D 209 23.90 -39.47 5.93
N GLU D 210 25.07 -38.83 5.92
CA GLU D 210 26.20 -39.30 6.71
C GLU D 210 25.85 -39.40 8.21
N ASP D 211 25.24 -38.34 8.75
CA ASP D 211 24.97 -38.32 10.20
C ASP D 211 23.92 -39.32 10.56
N TRP D 212 22.98 -39.56 9.64
CA TRP D 212 21.90 -40.47 9.97
C TRP D 212 22.45 -41.88 10.09
N LYS D 213 23.46 -42.20 9.29
CA LYS D 213 24.02 -43.55 9.34
C LYS D 213 24.64 -43.90 10.68
N LYS D 214 25.02 -42.89 11.46
CA LYS D 214 25.62 -43.14 12.76
C LYS D 214 24.58 -43.75 13.72
N VAL D 215 23.31 -43.47 13.48
CA VAL D 215 22.24 -44.00 14.34
C VAL D 215 21.40 -45.08 13.65
N SER D 216 21.56 -45.24 12.35
CA SER D 216 20.77 -46.21 11.61
C SER D 216 21.57 -46.73 10.41
N PRO D 217 22.41 -47.74 10.66
CA PRO D 217 23.43 -48.28 9.72
C PRO D 217 22.97 -48.43 8.26
N ASP D 218 21.77 -48.95 8.00
CA ASP D 218 21.34 -49.14 6.62
C ASP D 218 20.49 -47.98 6.06
N GLY D 219 20.64 -46.80 6.64
CA GLY D 219 19.99 -45.60 6.14
C GLY D 219 18.48 -45.52 6.33
N LYS D 220 17.93 -46.45 7.09
CA LYS D 220 16.47 -46.58 7.20
C LYS D 220 15.82 -45.67 8.26
N LEU D 221 14.53 -45.37 8.06
CA LEU D 221 13.77 -44.66 9.07
C LEU D 221 12.57 -45.51 9.50
N ILE D 222 12.77 -46.31 10.54
CA ILE D 222 11.75 -47.24 11.00
C ILE D 222 10.92 -46.63 12.12
N LEU D 223 9.64 -46.42 11.82
CA LEU D 223 8.69 -45.82 12.75
C LEU D 223 7.38 -46.60 12.74
N MET E 1 -5.97 1.81 -19.21
CA MET E 1 -5.94 3.17 -19.75
C MET E 1 -6.77 3.23 -21.01
N LYS E 2 -7.71 4.16 -21.07
CA LYS E 2 -8.46 4.37 -22.28
C LYS E 2 -7.64 5.16 -23.30
N ILE E 3 -7.89 4.91 -24.57
CA ILE E 3 -7.20 5.65 -25.61
C ILE E 3 -8.26 6.31 -26.48
N PHE E 4 -8.22 7.64 -26.54
CA PHE E 4 -9.09 8.34 -27.47
C PHE E 4 -8.27 8.71 -28.71
N LEU E 5 -8.96 8.82 -29.86
CA LEU E 5 -8.29 9.30 -31.04
C LEU E 5 -8.56 10.79 -31.18
N ASP E 6 -7.49 11.55 -31.39
CA ASP E 6 -7.68 12.97 -31.59
C ASP E 6 -7.92 13.20 -33.09
N THR E 7 -9.17 13.14 -33.54
CA THR E 7 -9.50 13.24 -34.96
C THR E 7 -11.00 13.30 -35.25
N ALA E 8 -11.36 13.69 -36.48
CA ALA E 8 -12.76 13.73 -36.89
C ALA E 8 -12.89 12.80 -38.10
N ASN E 9 -11.78 12.16 -38.49
CA ASN E 9 -11.80 11.30 -39.67
C ASN E 9 -12.40 9.94 -39.35
N ILE E 10 -13.48 9.60 -40.07
CA ILE E 10 -14.27 8.42 -39.71
C ILE E 10 -13.58 7.11 -40.09
N ASP E 11 -12.77 7.10 -41.15
CA ASP E 11 -12.03 5.90 -41.49
C ASP E 11 -10.93 5.65 -40.46
N GLU E 12 -10.36 6.74 -39.94
CA GLU E 12 -9.37 6.60 -38.86
C GLU E 12 -10.01 6.04 -37.59
N ILE E 13 -11.28 6.31 -37.39
CA ILE E 13 -11.97 5.91 -36.15
C ILE E 13 -12.40 4.45 -36.26
N ARG E 14 -12.93 4.09 -37.42
CA ARG E 14 -13.27 2.71 -37.68
C ARG E 14 -12.06 1.80 -37.61
N THR E 15 -10.93 2.25 -38.17
CA THR E 15 -9.77 1.39 -38.18
C THR E 15 -9.17 1.20 -36.78
N GLY E 16 -9.42 2.16 -35.90
CA GLY E 16 -8.90 2.12 -34.54
C GLY E 16 -9.75 1.23 -33.66
N VAL E 17 -11.07 1.37 -33.79
CA VAL E 17 -12.01 0.55 -33.04
C VAL E 17 -11.87 -0.93 -33.40
N ASN E 18 -11.70 -1.23 -34.68
CA ASN E 18 -11.51 -2.61 -35.13
C ASN E 18 -10.27 -3.28 -34.53
N TRP E 19 -9.27 -2.48 -34.20
CA TRP E 19 -8.11 -3.00 -33.47
C TRP E 19 -8.41 -3.30 -32.01
N GLY E 20 -9.54 -2.80 -31.54
CA GLY E 20 -9.99 -3.00 -30.17
C GLY E 20 -9.30 -2.07 -29.20
N ILE E 21 -8.83 -0.93 -29.70
CA ILE E 21 -7.83 -0.15 -28.99
C ILE E 21 -8.26 1.32 -28.83
N VAL E 22 -9.46 1.61 -29.32
CA VAL E 22 -9.98 2.97 -29.25
C VAL E 22 -11.29 3.02 -28.48
N ASP E 23 -11.37 3.93 -27.51
CA ASP E 23 -12.47 3.91 -26.56
C ASP E 23 -13.41 5.07 -26.72
N GLY E 24 -13.04 5.99 -27.61
CA GLY E 24 -13.73 7.28 -27.74
C GLY E 24 -12.88 8.18 -28.64
N VAL E 25 -13.29 9.44 -28.78
CA VAL E 25 -12.69 10.40 -29.71
C VAL E 25 -12.69 11.84 -29.15
N THR E 26 -11.67 12.62 -29.48
CA THR E 26 -11.63 14.04 -29.12
C THR E 26 -11.52 14.90 -30.38
N THR E 27 -12.48 15.80 -30.54
CA THR E 27 -12.48 16.65 -31.70
C THR E 27 -12.25 18.08 -31.30
N ASN E 28 -12.14 18.90 -32.32
CA ASN E 28 -11.99 20.32 -32.17
C ASN E 28 -12.37 20.91 -33.52
N PRO E 29 -12.73 22.19 -33.53
CA PRO E 29 -13.21 22.80 -34.78
C PRO E 29 -12.28 22.62 -36.00
N THR E 30 -10.97 22.66 -35.77
CA THR E 30 -10.00 22.48 -36.86
C THR E 30 -10.04 21.06 -37.41
N LEU E 31 -9.96 20.07 -36.53
CA LEU E 31 -10.10 18.66 -36.92
C LEU E 31 -11.38 18.44 -37.75
N ILE E 32 -12.50 18.94 -37.24
CA ILE E 32 -13.81 18.74 -37.88
C ILE E 32 -13.90 19.44 -39.23
N SER E 33 -13.40 20.67 -39.31
CA SER E 33 -13.45 21.45 -40.57
C SER E 33 -12.58 20.78 -41.65
N LYS E 34 -11.53 20.13 -41.20
CA LYS E 34 -10.64 19.36 -42.06
C LYS E 34 -11.43 18.29 -42.84
N GLU E 35 -12.49 17.76 -42.24
CA GLU E 35 -13.29 16.72 -42.90
C GLU E 35 -14.56 17.28 -43.54
N ALA E 36 -14.89 18.53 -43.20
CA ALA E 36 -16.10 19.18 -43.72
C ALA E 36 -15.85 19.60 -45.15
N VAL E 37 -15.84 18.60 -46.01
CA VAL E 37 -15.27 18.75 -47.33
C VAL E 37 -16.09 17.93 -48.32
N ASN E 38 -16.07 18.31 -49.60
CA ASN E 38 -16.79 17.58 -50.62
C ASN E 38 -18.24 17.26 -50.30
N GLY E 39 -18.98 18.26 -49.82
CA GLY E 39 -20.40 18.11 -49.60
C GLY E 39 -20.69 18.02 -48.11
N LYS E 40 -19.80 17.42 -47.35
CA LYS E 40 -20.05 17.25 -45.91
C LYS E 40 -20.07 18.56 -45.14
N LYS E 41 -21.15 18.77 -44.39
CA LYS E 41 -21.27 19.83 -43.39
C LYS E 41 -20.63 19.47 -42.05
N TYR E 42 -20.32 20.50 -41.27
CA TYR E 42 -19.69 20.41 -40.00
C TYR E 42 -20.55 19.61 -39.05
N GLY E 43 -21.85 19.88 -39.03
CA GLY E 43 -22.79 19.18 -38.18
C GLY E 43 -22.86 17.72 -38.55
N ASP E 44 -22.77 17.44 -39.85
CA ASP E 44 -22.87 16.07 -40.35
C ASP E 44 -21.75 15.22 -39.75
N ILE E 45 -20.52 15.73 -39.82
CA ILE E 45 -19.34 14.99 -39.36
C ILE E 45 -19.52 14.59 -37.91
N ILE E 46 -20.00 15.53 -37.11
CA ILE E 46 -20.16 15.27 -35.68
C ILE E 46 -21.28 14.25 -35.42
N ARG E 47 -22.41 14.40 -36.12
CA ARG E 47 -23.49 13.43 -35.94
C ARG E 47 -23.03 12.03 -36.32
N GLU E 48 -22.30 11.89 -37.42
CA GLU E 48 -21.85 10.55 -37.82
C GLU E 48 -20.84 9.94 -36.84
N ILE E 49 -20.03 10.79 -36.24
CA ILE E 49 -19.09 10.29 -35.24
C ILE E 49 -19.84 9.86 -34.00
N LEU E 50 -20.83 10.65 -33.61
CA LEU E 50 -21.58 10.33 -32.41
C LEU E 50 -22.32 9.00 -32.61
N LYS E 51 -22.82 8.81 -33.83
CA LYS E 51 -23.57 7.60 -34.17
C LYS E 51 -22.69 6.35 -34.21
N ILE E 52 -21.49 6.45 -34.78
CA ILE E 52 -20.67 5.25 -34.93
C ILE E 52 -19.83 4.89 -33.71
N VAL E 53 -19.45 5.87 -32.90
CA VAL E 53 -18.59 5.59 -31.73
C VAL E 53 -19.37 5.17 -30.50
N ASP E 54 -19.12 3.93 -30.07
CA ASP E 54 -19.70 3.41 -28.84
C ASP E 54 -18.89 3.88 -27.63
N GLY E 55 -18.91 5.19 -27.38
CA GLY E 55 -18.07 5.78 -26.34
C GLY E 55 -18.13 7.28 -26.49
N PRO E 56 -17.35 8.02 -25.68
CA PRO E 56 -17.30 9.48 -25.58
C PRO E 56 -16.72 10.17 -26.81
N VAL E 57 -17.34 11.27 -27.21
CA VAL E 57 -16.84 12.10 -28.29
C VAL E 57 -16.81 13.55 -27.79
N SER E 58 -15.62 14.12 -27.69
CA SER E 58 -15.45 15.47 -27.18
C SER E 58 -15.59 16.52 -28.27
N VAL E 59 -16.44 17.52 -28.01
CA VAL E 59 -16.76 18.58 -28.96
C VAL E 59 -16.63 19.94 -28.29
N GLN E 60 -15.87 20.83 -28.91
CA GLN E 60 -15.59 22.09 -28.27
C GLN E 60 -16.62 23.18 -28.48
N VAL E 61 -16.71 24.08 -27.50
CA VAL E 61 -17.49 25.31 -27.63
C VAL E 61 -16.54 26.41 -28.05
N VAL E 62 -17.07 27.41 -28.75
CA VAL E 62 -16.23 28.53 -29.17
C VAL E 62 -16.56 29.79 -28.41
N SER E 63 -17.76 29.85 -27.85
CA SER E 63 -18.11 30.96 -26.95
C SER E 63 -17.18 31.02 -25.73
N THR E 64 -16.70 32.21 -25.38
CA THR E 64 -15.89 32.36 -24.18
C THR E 64 -16.66 32.99 -23.01
N LYS E 65 -17.97 33.13 -23.13
CA LYS E 65 -18.76 33.66 -22.02
C LYS E 65 -19.75 32.63 -21.54
N TYR E 66 -20.04 32.68 -20.24
CA TYR E 66 -20.87 31.66 -19.58
C TYR E 66 -22.14 31.32 -20.34
N GLU E 67 -22.95 32.33 -20.66
N GLU E 67 -22.93 32.32 -20.71
CA GLU E 67 -24.21 32.13 -21.36
CA GLU E 67 -24.21 32.10 -21.34
C GLU E 67 -24.03 31.38 -22.67
C GLU E 67 -24.06 31.38 -22.68
N GLY E 68 -23.14 31.89 -23.51
CA GLY E 68 -22.87 31.28 -24.79
C GLY E 68 -22.36 29.84 -24.65
N MET E 69 -21.48 29.60 -23.66
CA MET E 69 -20.93 28.26 -23.54
C MET E 69 -22.03 27.29 -23.18
N VAL E 70 -22.86 27.67 -22.21
CA VAL E 70 -23.89 26.78 -21.70
C VAL E 70 -24.94 26.50 -22.79
N GLU E 71 -25.28 27.53 -23.58
CA GLU E 71 -26.24 27.35 -24.67
C GLU E 71 -25.69 26.34 -25.68
N GLU E 72 -24.45 26.52 -26.12
CA GLU E 72 -23.83 25.57 -27.04
C GLU E 72 -23.80 24.18 -26.45
N ALA E 73 -23.36 24.08 -25.20
CA ALA E 73 -23.21 22.77 -24.57
C ALA E 73 -24.53 21.99 -24.60
N ARG E 74 -25.63 22.68 -24.33
CA ARG E 74 -26.94 22.03 -24.38
C ARG E 74 -27.25 21.50 -25.78
N LYS E 75 -26.90 22.29 -26.81
CA LYS E 75 -27.08 21.85 -28.19
C LYS E 75 -26.32 20.55 -28.42
N ILE E 76 -25.04 20.57 -28.04
CA ILE E 76 -24.14 19.45 -28.29
C ILE E 76 -24.71 18.19 -27.64
N HIS E 77 -25.10 18.29 -26.37
CA HIS E 77 -25.75 17.18 -25.67
C HIS E 77 -26.95 16.62 -26.46
N GLY E 78 -27.75 17.52 -27.04
CA GLY E 78 -28.92 17.12 -27.79
C GLY E 78 -28.61 16.17 -28.94
N LEU E 79 -27.40 16.28 -29.46
CA LEU E 79 -26.95 15.47 -30.60
C LEU E 79 -26.72 13.99 -30.27
N GLY E 80 -26.57 13.64 -28.99
CA GLY E 80 -26.34 12.26 -28.60
C GLY E 80 -25.83 12.14 -27.18
N ASP E 81 -26.18 11.05 -26.48
CA ASP E 81 -25.91 10.94 -25.04
C ASP E 81 -24.42 10.75 -24.75
N ASN E 82 -23.64 10.57 -25.81
CA ASN E 82 -22.21 10.28 -25.71
C ASN E 82 -21.35 11.46 -26.10
N ALA E 83 -21.99 12.56 -26.49
CA ALA E 83 -21.29 13.81 -26.71
C ALA E 83 -20.73 14.28 -25.38
N VAL E 84 -19.52 14.85 -25.41
CA VAL E 84 -18.88 15.43 -24.21
C VAL E 84 -18.47 16.84 -24.56
N VAL E 85 -18.85 17.82 -23.76
CA VAL E 85 -18.56 19.20 -24.13
C VAL E 85 -17.25 19.71 -23.57
N LYS E 86 -16.37 20.16 -24.47
CA LYS E 86 -15.10 20.77 -24.06
C LYS E 86 -15.28 22.21 -23.62
N ILE E 87 -14.75 22.53 -22.44
CA ILE E 87 -14.87 23.86 -21.84
C ILE E 87 -13.49 24.29 -21.35
N PRO E 88 -13.05 25.50 -21.67
CA PRO E 88 -11.69 25.88 -21.25
C PRO E 88 -11.60 26.21 -19.76
N MET E 89 -10.42 26.07 -19.18
CA MET E 89 -10.18 26.41 -17.78
C MET E 89 -10.17 27.95 -17.62
N THR E 90 -11.37 28.53 -17.43
CA THR E 90 -11.53 29.95 -17.15
C THR E 90 -12.61 30.15 -16.08
N GLU E 91 -12.73 31.37 -15.59
CA GLU E 91 -13.80 31.67 -14.64
C GLU E 91 -15.16 31.28 -15.20
N ASP E 92 -15.50 31.81 -16.38
CA ASP E 92 -16.75 31.42 -16.99
C ASP E 92 -16.84 29.92 -17.29
N GLY E 93 -15.71 29.32 -17.65
CA GLY E 93 -15.66 27.89 -17.87
C GLY E 93 -16.05 27.07 -16.64
N LEU E 94 -15.48 27.41 -15.50
CA LEU E 94 -15.82 26.70 -14.27
C LEU E 94 -17.33 26.89 -13.96
N ARG E 95 -17.85 28.10 -14.14
CA ARG E 95 -19.28 28.31 -13.91
C ARG E 95 -20.10 27.41 -14.82
N ALA E 96 -19.68 27.32 -16.09
CA ALA E 96 -20.38 26.51 -17.06
C ALA E 96 -20.34 25.03 -16.68
N ILE E 97 -19.18 24.58 -16.23
CA ILE E 97 -19.07 23.18 -15.85
C ILE E 97 -19.99 22.82 -14.68
N LYS E 98 -20.05 23.70 -13.68
CA LYS E 98 -20.91 23.46 -12.55
C LYS E 98 -22.36 23.32 -13.03
N THR E 99 -22.80 24.26 -13.86
CA THR E 99 -24.18 24.24 -14.35
C THR E 99 -24.44 22.98 -15.16
N LEU E 100 -23.57 22.70 -16.13
CA LEU E 100 -23.75 21.52 -16.97
C LEU E 100 -23.72 20.18 -16.21
N SER E 101 -22.82 20.08 -15.22
N SER E 101 -22.83 20.06 -15.22
CA SER E 101 -22.75 18.86 -14.42
CA SER E 101 -22.77 18.84 -14.42
C SER E 101 -24.07 18.62 -13.66
C SER E 101 -24.09 18.60 -13.67
N SER E 102 -24.69 19.69 -13.19
CA SER E 102 -25.97 19.59 -12.49
C SER E 102 -27.08 19.15 -13.44
N GLU E 103 -26.88 19.36 -14.74
CA GLU E 103 -27.83 18.91 -15.76
C GLU E 103 -27.40 17.61 -16.40
N HIS E 104 -26.49 16.89 -15.75
CA HIS E 104 -25.97 15.61 -16.23
C HIS E 104 -25.54 15.70 -17.68
N ILE E 105 -24.89 16.80 -18.03
CA ILE E 105 -24.19 16.90 -19.32
C ILE E 105 -22.68 16.70 -19.06
N ASN E 106 -22.09 15.76 -19.77
CA ASN E 106 -20.69 15.42 -19.57
C ASN E 106 -19.76 16.47 -20.17
N THR E 107 -18.66 16.72 -19.46
CA THR E 107 -17.78 17.85 -19.78
C THR E 107 -16.31 17.45 -19.80
N ASN E 108 -15.51 18.25 -20.50
CA ASN E 108 -14.07 18.00 -20.63
C ASN E 108 -13.36 19.32 -20.52
N CYS E 109 -12.66 19.56 -19.41
CA CYS E 109 -12.03 20.86 -19.22
C CYS E 109 -10.63 20.87 -19.86
N THR E 110 -10.43 21.81 -20.79
N THR E 110 -10.45 21.79 -20.81
CA THR E 110 -9.21 21.85 -21.57
CA THR E 110 -9.24 21.86 -21.59
C THR E 110 -8.35 23.07 -21.18
C THR E 110 -8.33 23.04 -21.16
N LEU E 111 -7.12 23.11 -21.72
CA LEU E 111 -6.14 24.16 -21.38
C LEU E 111 -5.76 24.18 -19.90
N VAL E 112 -5.57 22.99 -19.34
CA VAL E 112 -5.11 22.85 -17.97
C VAL E 112 -3.59 22.66 -18.01
N PHE E 113 -2.86 23.41 -17.19
CA PHE E 113 -1.39 23.40 -17.26
C PHE E 113 -0.72 23.24 -15.91
N ASN E 114 -1.51 23.19 -14.84
CA ASN E 114 -0.93 22.81 -13.53
C ASN E 114 -1.94 21.96 -12.74
N PRO E 115 -1.50 21.36 -11.63
CA PRO E 115 -2.39 20.39 -10.99
C PRO E 115 -3.54 21.05 -10.25
N ILE E 116 -3.37 22.28 -9.79
CA ILE E 116 -4.45 22.91 -9.04
C ILE E 116 -5.58 23.30 -10.02
N GLN E 117 -5.24 23.73 -11.23
CA GLN E 117 -6.31 23.99 -12.21
C GLN E 117 -7.12 22.72 -12.41
N ALA E 118 -6.43 21.59 -12.51
CA ALA E 118 -7.11 20.30 -12.67
C ALA E 118 -8.04 20.02 -11.48
N LEU E 119 -7.57 20.28 -10.26
CA LEU E 119 -8.39 20.09 -9.06
C LEU E 119 -9.63 20.99 -9.11
N LEU E 120 -9.46 22.27 -9.48
CA LEU E 120 -10.63 23.17 -9.58
C LEU E 120 -11.68 22.66 -10.55
N ALA E 121 -11.26 22.22 -11.73
CA ALA E 121 -12.22 21.65 -12.67
C ALA E 121 -12.93 20.44 -12.10
N ALA E 122 -12.20 19.55 -11.40
CA ALA E 122 -12.84 18.40 -10.75
C ALA E 122 -13.91 18.84 -9.75
N LYS E 123 -13.59 19.87 -8.96
CA LYS E 123 -14.48 20.35 -7.89
C LYS E 123 -15.74 20.94 -8.46
N ALA E 124 -15.63 21.45 -9.68
CA ALA E 124 -16.81 22.00 -10.38
C ALA E 124 -17.67 20.89 -10.99
N GLY E 125 -17.15 19.66 -11.04
CA GLY E 125 -17.92 18.50 -11.46
C GLY E 125 -17.51 17.96 -12.83
N VAL E 126 -16.36 18.37 -13.34
CA VAL E 126 -16.02 18.03 -14.72
C VAL E 126 -15.84 16.49 -14.91
N THR E 127 -16.20 15.97 -16.08
CA THR E 127 -16.10 14.53 -16.34
C THR E 127 -14.63 14.16 -16.64
N TYR E 128 -13.99 15.00 -17.45
CA TYR E 128 -12.57 14.83 -17.82
C TYR E 128 -11.80 16.12 -17.65
N VAL E 129 -10.53 15.99 -17.29
N VAL E 129 -10.55 16.01 -17.21
CA VAL E 129 -9.68 17.15 -17.29
CA VAL E 129 -9.62 17.14 -17.27
C VAL E 129 -8.54 16.84 -18.26
C VAL E 129 -8.49 16.83 -18.26
N SER E 130 -8.16 17.80 -19.12
CA SER E 130 -7.17 17.56 -20.18
C SER E 130 -5.96 18.46 -20.06
N PRO E 131 -4.92 18.02 -19.37
CA PRO E 131 -3.71 18.82 -19.32
C PRO E 131 -2.93 18.65 -20.62
N TYR E 132 -2.33 19.74 -21.10
CA TYR E 132 -1.66 19.73 -22.40
C TYR E 132 -0.15 19.52 -22.25
N VAL E 133 0.28 18.26 -22.08
CA VAL E 133 1.67 18.01 -21.70
C VAL E 133 2.68 18.47 -22.73
N GLY E 134 2.39 18.31 -24.00
CA GLY E 134 3.37 18.72 -25.00
C GLY E 134 3.64 20.23 -25.01
N ARG E 135 2.63 21.04 -24.66
CA ARG E 135 2.86 22.49 -24.64
C ARG E 135 3.67 22.90 -23.41
N LEU E 136 3.64 22.09 -22.33
CA LEU E 136 4.57 22.31 -21.21
C LEU E 136 5.99 21.96 -21.66
N ASP E 137 6.15 20.81 -22.31
CA ASP E 137 7.45 20.45 -22.92
C ASP E 137 7.99 21.59 -23.79
N ASP E 138 7.11 22.23 -24.57
CA ASP E 138 7.52 23.32 -25.45
C ASP E 138 8.22 24.48 -24.73
N ILE E 139 7.86 24.69 -23.47
CA ILE E 139 8.37 25.81 -22.69
C ILE E 139 9.38 25.37 -21.65
N GLY E 140 9.91 24.15 -21.86
CA GLY E 140 11.03 23.69 -21.05
C GLY E 140 10.67 23.21 -19.67
N GLU E 141 9.42 22.78 -19.47
N GLU E 141 9.43 22.71 -19.56
CA GLU E 141 9.14 22.01 -18.25
CA GLU E 141 8.91 22.09 -18.36
C GLU E 141 8.52 20.67 -18.63
C GLU E 141 8.47 20.64 -18.68
N ASP E 142 8.90 19.63 -17.90
CA ASP E 142 8.51 18.27 -18.21
C ASP E 142 7.01 18.12 -17.91
N GLY E 143 6.18 18.08 -18.96
CA GLY E 143 4.73 18.10 -18.77
C GLY E 143 4.17 16.89 -18.05
N MET E 144 4.86 15.76 -18.18
CA MET E 144 4.37 14.55 -17.52
C MET E 144 4.44 14.66 -15.99
N GLN E 145 5.28 15.54 -15.46
CA GLN E 145 5.29 15.71 -13.98
C GLN E 145 3.98 16.27 -13.45
N ILE E 146 3.31 17.08 -14.28
CA ILE E 146 1.99 17.61 -13.89
C ILE E 146 0.94 16.49 -13.84
N ILE E 147 1.05 15.53 -14.76
CA ILE E 147 0.16 14.36 -14.76
C ILE E 147 0.36 13.56 -13.48
N ASP E 148 1.63 13.33 -13.13
CA ASP E 148 1.92 12.60 -11.92
C ASP E 148 1.28 13.25 -10.70
N MET E 149 1.46 14.58 -10.55
CA MET E 149 0.86 15.28 -9.41
C MET E 149 -0.66 15.21 -9.41
N ILE E 150 -1.29 15.33 -10.58
CA ILE E 150 -2.76 15.27 -10.65
C ILE E 150 -3.22 13.89 -10.26
N ARG E 151 -2.50 12.86 -10.70
CA ARG E 151 -2.86 11.50 -10.28
C ARG E 151 -2.85 11.34 -8.76
N THR E 152 -1.78 11.80 -8.11
CA THR E 152 -1.66 11.74 -6.64
C THR E 152 -2.82 12.47 -5.96
N ILE E 153 -3.06 13.69 -6.43
CA ILE E 153 -4.11 14.54 -5.86
C ILE E 153 -5.46 13.86 -6.03
N PHE E 154 -5.77 13.39 -7.23
CA PHE E 154 -7.06 12.74 -7.44
C PHE E 154 -7.18 11.46 -6.58
N ASN E 155 -6.10 10.68 -6.47
CA ASN E 155 -6.15 9.50 -5.61
C ASN E 155 -6.42 9.86 -4.13
N ASN E 156 -5.79 10.95 -3.67
CA ASN E 156 -5.93 11.40 -2.27
C ASN E 156 -7.40 11.60 -1.92
N TYR E 157 -8.15 12.14 -2.86
CA TYR E 157 -9.51 12.54 -2.53
C TYR E 157 -10.57 11.66 -3.18
N ILE E 158 -10.14 10.56 -3.79
CA ILE E 158 -11.00 9.61 -4.53
C ILE E 158 -11.83 10.39 -5.56
N ILE E 159 -11.14 11.23 -6.31
CA ILE E 159 -11.83 12.04 -7.31
C ILE E 159 -12.19 11.18 -8.52
N LYS E 160 -13.40 11.33 -9.03
CA LYS E 160 -13.86 10.48 -10.14
C LYS E 160 -13.69 11.12 -11.53
N THR E 161 -13.33 12.39 -11.54
CA THR E 161 -12.87 13.05 -12.76
C THR E 161 -11.74 12.27 -13.41
N GLN E 162 -11.86 12.01 -14.70
CA GLN E 162 -10.83 11.24 -15.41
C GLN E 162 -9.72 12.16 -15.92
N ILE E 163 -8.49 11.73 -15.73
CA ILE E 163 -7.33 12.46 -16.26
C ILE E 163 -7.14 12.06 -17.69
N LEU E 164 -7.22 13.04 -18.58
CA LEU E 164 -7.13 12.80 -20.02
C LEU E 164 -5.89 13.51 -20.54
N VAL E 165 -4.80 12.78 -20.77
CA VAL E 165 -3.56 13.42 -21.20
C VAL E 165 -3.67 13.86 -22.66
N ALA E 166 -3.41 15.14 -22.90
CA ALA E 166 -3.56 15.70 -24.22
C ALA E 166 -2.28 16.39 -24.68
N SER E 167 -2.32 16.95 -25.90
CA SER E 167 -1.13 17.52 -26.51
C SER E 167 0.01 16.48 -26.41
N ILE E 168 -0.31 15.25 -26.78
CA ILE E 168 0.68 14.15 -26.84
C ILE E 168 1.52 14.25 -28.10
N ARG E 169 2.86 14.12 -27.94
CA ARG E 169 3.77 14.34 -29.07
C ARG E 169 4.58 13.11 -29.45
N ASN E 170 4.66 12.11 -28.56
CA ASN E 170 5.53 10.95 -28.79
C ASN E 170 5.11 9.74 -27.96
N PRO E 171 5.63 8.53 -28.27
CA PRO E 171 5.20 7.33 -27.54
C PRO E 171 5.63 7.30 -26.09
N ILE E 172 6.55 8.17 -25.69
CA ILE E 172 7.00 8.18 -24.30
C ILE E 172 6.01 8.96 -23.39
N HIS E 173 5.34 9.97 -23.96
CA HIS E 173 4.23 10.58 -23.24
C HIS E 173 3.20 9.48 -22.93
N VAL E 174 2.95 8.62 -23.91
CA VAL E 174 1.97 7.54 -23.74
C VAL E 174 2.44 6.53 -22.68
N LEU E 175 3.69 6.07 -22.79
CA LEU E 175 4.24 5.12 -21.82
C LEU E 175 4.16 5.70 -20.40
N ARG E 176 4.64 6.94 -20.24
CA ARG E 176 4.65 7.54 -18.90
C ARG E 176 3.25 7.73 -18.34
N SER E 177 2.31 8.10 -19.22
CA SER E 177 0.90 8.23 -18.80
C SER E 177 0.40 6.92 -18.21
N ALA E 178 0.73 5.80 -18.87
CA ALA E 178 0.27 4.50 -18.43
C ALA E 178 0.94 4.07 -17.13
N VAL E 179 2.23 4.34 -17.01
CA VAL E 179 2.94 4.00 -15.79
C VAL E 179 2.44 4.82 -14.60
N ILE E 180 2.14 6.10 -14.85
CA ILE E 180 1.56 6.94 -13.81
C ILE E 180 0.17 6.46 -13.41
N GLY E 181 -0.61 6.01 -14.41
CA GLY E 181 -1.99 5.65 -14.16
C GLY E 181 -3.04 6.68 -14.59
N ALA E 182 -2.69 7.52 -15.57
CA ALA E 182 -3.69 8.43 -16.16
C ALA E 182 -4.85 7.61 -16.69
N ASP E 183 -6.07 8.14 -16.58
CA ASP E 183 -7.24 7.41 -17.05
C ASP E 183 -7.33 7.25 -18.56
N VAL E 184 -6.90 8.28 -19.29
CA VAL E 184 -7.04 8.31 -20.74
C VAL E 184 -5.87 9.05 -21.37
N VAL E 185 -5.51 8.69 -22.60
CA VAL E 185 -4.64 9.56 -23.43
C VAL E 185 -5.40 9.80 -24.70
N THR E 186 -5.22 10.99 -25.27
CA THR E 186 -5.77 11.24 -26.61
C THR E 186 -4.59 11.46 -27.53
N VAL E 187 -4.59 10.74 -28.64
CA VAL E 187 -3.49 10.79 -29.59
C VAL E 187 -4.01 10.86 -31.02
N PRO E 188 -3.22 11.48 -31.90
CA PRO E 188 -3.46 11.45 -33.35
C PRO E 188 -3.38 10.03 -33.86
N PHE E 189 -4.06 9.75 -34.98
CA PHE E 189 -4.05 8.42 -35.56
C PHE E 189 -2.62 7.92 -35.84
N ASN E 190 -1.72 8.84 -36.19
CA ASN E 190 -0.40 8.37 -36.59
C ASN E 190 0.40 7.95 -35.38
N VAL E 191 0.33 8.74 -34.30
CA VAL E 191 0.97 8.31 -33.05
C VAL E 191 0.41 6.94 -32.67
N LEU E 192 -0.92 6.78 -32.82
CA LEU E 192 -1.59 5.55 -32.42
C LEU E 192 -0.96 4.39 -33.17
N LYS E 193 -0.78 4.59 -34.47
CA LYS E 193 -0.25 3.51 -35.32
C LYS E 193 1.16 3.16 -34.89
N SER E 194 1.96 4.19 -34.61
CA SER E 194 3.35 3.98 -34.17
C SER E 194 3.44 3.14 -32.89
N LEU E 195 2.42 3.21 -32.04
CA LEU E 195 2.48 2.51 -30.74
C LEU E 195 2.57 0.99 -30.86
N MET E 196 2.17 0.44 -31.97
CA MET E 196 2.18 -1.00 -32.16
C MET E 196 3.53 -1.52 -32.63
N LYS E 197 4.42 -0.61 -33.03
CA LYS E 197 5.61 -1.01 -33.79
C LYS E 197 6.87 -1.14 -32.95
N HIS E 198 7.68 -2.11 -33.33
CA HIS E 198 9.02 -2.28 -32.75
C HIS E 198 9.85 -3.09 -33.71
N PRO E 199 11.14 -2.72 -33.85
CA PRO E 199 11.96 -3.42 -34.85
C PRO E 199 12.18 -4.91 -34.53
N LYS E 200 12.17 -5.27 -33.25
CA LYS E 200 12.31 -6.68 -32.85
C LYS E 200 11.04 -7.46 -33.13
N THR E 201 9.90 -6.78 -33.18
CA THR E 201 8.69 -7.44 -33.65
C THR E 201 8.87 -7.82 -35.15
N ASP E 202 9.27 -6.85 -35.98
CA ASP E 202 9.46 -7.11 -37.41
C ASP E 202 10.47 -8.25 -37.63
N GLU E 203 11.56 -8.21 -36.86
CA GLU E 203 12.60 -9.22 -36.98
C GLU E 203 12.05 -10.59 -36.62
N GLY E 204 11.27 -10.61 -35.53
CA GLY E 204 10.64 -11.84 -35.06
C GLY E 204 9.69 -12.48 -36.05
N LEU E 205 8.89 -11.65 -36.70
CA LEU E 205 7.95 -12.09 -37.73
C LEU E 205 8.73 -12.74 -38.89
N ALA E 206 9.79 -12.09 -39.31
CA ALA E 206 10.59 -12.62 -40.40
C ALA E 206 11.20 -13.97 -40.03
N LYS E 207 11.68 -14.07 -38.79
CA LYS E 207 12.24 -15.35 -38.29
C LYS E 207 11.17 -16.45 -38.22
N PHE E 208 9.99 -16.13 -37.69
CA PHE E 208 8.85 -17.05 -37.68
C PHE E 208 8.63 -17.62 -39.09
N LEU E 209 8.58 -16.71 -40.07
CA LEU E 209 8.27 -17.05 -41.44
C LEU E 209 9.29 -18.06 -42.03
N GLU E 210 10.57 -17.74 -41.87
CA GLU E 210 11.60 -18.61 -42.44
C GLU E 210 11.58 -19.98 -41.77
N ASP E 211 11.42 -20.01 -40.45
CA ASP E 211 11.50 -21.29 -39.75
C ASP E 211 10.29 -22.17 -40.05
N TRP E 212 9.13 -21.55 -40.27
CA TRP E 212 7.94 -22.26 -40.72
C TRP E 212 8.13 -22.87 -42.11
N LYS E 213 8.80 -22.15 -43.01
CA LYS E 213 9.11 -22.71 -44.32
C LYS E 213 9.98 -23.96 -44.20
N LYS E 214 10.77 -24.04 -43.15
CA LYS E 214 11.53 -25.26 -42.87
C LYS E 214 10.60 -26.44 -42.53
N VAL E 215 9.66 -26.26 -41.59
CA VAL E 215 8.77 -27.39 -41.22
C VAL E 215 7.74 -27.71 -42.30
N SER E 216 7.40 -26.71 -43.11
CA SER E 216 6.45 -26.88 -44.21
C SER E 216 6.55 -25.78 -45.24
N PRO E 217 6.83 -26.15 -46.51
CA PRO E 217 7.37 -25.24 -47.52
C PRO E 217 6.34 -24.23 -48.06
N ASP E 218 5.07 -24.61 -48.08
CA ASP E 218 4.01 -23.81 -48.68
C ASP E 218 3.69 -22.51 -47.94
N GLY E 219 3.63 -22.57 -46.61
CA GLY E 219 3.25 -21.42 -45.80
C GLY E 219 1.87 -21.54 -45.17
N LYS E 220 1.34 -22.75 -45.08
CA LYS E 220 0.01 -22.97 -44.50
C LYS E 220 -0.02 -24.09 -43.44
N LEU E 221 -0.59 -23.77 -42.28
CA LEU E 221 -0.71 -24.71 -41.15
C LEU E 221 -2.03 -25.47 -41.27
N ILE E 222 -1.95 -26.80 -41.31
CA ILE E 222 -3.14 -27.63 -41.43
C ILE E 222 -3.42 -28.38 -40.14
C1 GOL F . 8.49 28.03 -0.36
O1 GOL F . 9.20 27.77 -1.54
C2 GOL F . 6.99 28.21 -0.64
O2 GOL F . 6.36 28.83 0.45
C3 GOL F . 6.36 26.84 -0.90
O3 GOL F . 5.71 26.34 0.25
C1 PDO G . 6.10 1.82 31.85
O1 PDO G . 4.78 1.98 31.26
C2 PDO G . 6.09 2.44 33.25
C3 PDO G . 7.19 3.50 33.43
O3 PDO G . 6.98 4.24 34.66
C2 G3P H . 9.81 5.61 33.36
O2 G3P H . 9.15 5.77 32.07
C3 G3P H . 11.31 5.34 33.28
O1P G3P H . 11.96 6.47 32.72
O4P G3P H . 13.48 8.40 32.79
O2P G3P H . 13.59 6.55 34.58
O3P G3P H . 14.35 6.14 32.20
P G3P H . 13.49 6.91 33.09
C1 GOL I . 14.97 12.83 19.43
O1 GOL I . 14.42 11.59 19.81
C2 GOL I . 16.20 13.16 20.27
O2 GOL I . 16.07 14.46 20.82
C3 GOL I . 17.44 13.13 19.37
O3 GOL I . 17.66 14.37 18.75
C ACT J . 16.28 15.06 26.65
O ACT J . 16.02 15.71 25.66
OXT ACT J . 16.56 13.89 26.40
CH3 ACT J . 16.24 15.62 28.06
C1 PDO K . 14.17 -26.62 9.07
O1 PDO K . 12.78 -26.43 9.41
C2 PDO K . 14.76 -27.85 9.77
C3 PDO K . 16.03 -27.42 10.51
O3 PDO K . 16.27 -28.29 11.68
C2 G3P L . 18.97 -26.01 10.38
O2 G3P L . 18.21 -25.07 11.17
C3 G3P L . 20.35 -26.28 10.96
O1P G3P L . 21.21 -25.23 10.50
O4P G3P L . 23.19 -26.65 10.99
O2P G3P L . 23.04 -24.17 11.76
O3P G3P L . 23.34 -24.78 9.36
P G3P L . 22.82 -25.21 10.68
C1 GOL M . 22.98 -10.35 10.78
O1 GOL M . 22.09 -10.84 9.78
C2 GOL M . 24.40 -10.91 10.66
O2 GOL M . 25.07 -10.88 11.91
C3 GOL M . 25.21 -10.13 9.63
O3 GOL M . 25.61 -8.85 10.09
C ACT N . 26.82 -15.71 14.14
O ACT N . 26.65 -14.58 14.57
OXT ACT N . 26.47 -15.81 12.97
CH3 ACT N . 27.39 -16.85 14.96
C1 GOL O . 21.23 -9.49 -16.10
O1 GOL O . 22.48 -9.60 -15.43
C2 GOL O . 20.60 -10.86 -16.32
O2 GOL O . 21.54 -11.91 -16.12
C3 GOL O . 19.36 -11.02 -15.43
O3 GOL O . 18.24 -10.28 -15.89
C1 GOL P . 11.05 13.78 -22.67
O1 GOL P . 12.29 13.09 -22.79
C2 GOL P . 9.93 13.18 -23.54
O2 GOL P . 9.02 14.18 -23.96
C3 GOL P . 9.17 12.16 -22.70
O3 GOL P . 8.24 12.75 -21.80
C ACT Q . 8.42 15.17 -29.46
O ACT Q . 8.24 15.76 -28.39
OXT ACT Q . 9.02 14.12 -29.32
CH3 ACT Q . 8.00 15.73 -30.81
C ACT R . -9.50 7.88 -7.62
O ACT R . -8.70 7.15 -6.97
OXT ACT R . -8.99 8.86 -8.24
CH3 ACT R . -10.96 7.58 -7.65
#